data_6A6K
#
_entry.id   6A6K
#
_cell.length_a   105.828
_cell.length_b   78.571
_cell.length_c   106.963
_cell.angle_alpha   90.00
_cell.angle_beta   109.19
_cell.angle_gamma   90.00
#
_symmetry.space_group_name_H-M   'C 1 2 1'
#
loop_
_entity.id
_entity.type
_entity.pdbx_description
1 polymer 'Estrogen-related receptor gamma'
2 non-polymer 3-[(~{E})-5-oxidanyl-2-phenyl-1-[4-(4-propan-2-ylpiperazin-1-yl)phenyl]pent-1-enyl]phenol
3 water water
#
_entity_poly.entity_id   1
_entity_poly.type   'polypeptide(L)'
_entity_poly.pdbx_seq_one_letter_code
;MLNPQLVQPAKKPYNKIVSHLLVAEPEKIYAMPDPTVPDSDIKALTTLCDLADRELVVIIGWAKHIPGFSTLSLADQMSL
LQSAWMEILILGVVYRSLSFEDELVYADDYIMDEDQSKLAGLLDLNNAILQLVKKYKSMKLEKEEFVTLKAIALANSDSM
HIEDVEAVQKLQDVLHEALQDYEAGQHMEDPRRAGKMLMTLPLLRQTSTKAVQHFYNIKLEGKVPMHKLFLEMLEAKV
;
_entity_poly.pdbx_strand_id   A,B,C
#
# COMPACT_ATOMS: atom_id res chain seq x y z
N ASN A 15 36.74 5.33 -12.44
CA ASN A 15 35.43 5.33 -11.81
C ASN A 15 35.54 5.73 -10.33
N LYS A 16 36.68 6.31 -9.94
CA LYS A 16 36.99 6.61 -8.55
C LYS A 16 36.05 7.65 -7.96
N ILE A 17 36.19 8.92 -8.37
CA ILE A 17 35.36 9.98 -7.82
C ILE A 17 33.89 9.69 -8.09
N VAL A 18 33.57 9.29 -9.32
CA VAL A 18 32.18 8.97 -9.67
C VAL A 18 31.61 7.99 -8.65
N SER A 19 32.30 6.86 -8.47
CA SER A 19 31.84 5.87 -7.50
C SER A 19 31.77 6.48 -6.10
N HIS A 20 32.72 7.33 -5.73
CA HIS A 20 32.68 7.89 -4.38
C HIS A 20 31.59 8.94 -4.24
N LEU A 21 31.39 9.76 -5.28
CA LEU A 21 30.18 10.56 -5.32
C LEU A 21 28.96 9.68 -5.12
N LEU A 22 28.75 8.75 -6.05
CA LEU A 22 27.68 7.75 -5.95
C LEU A 22 27.51 7.23 -4.52
N VAL A 23 28.61 6.91 -3.84
CA VAL A 23 28.49 6.35 -2.51
C VAL A 23 27.95 7.35 -1.48
N ALA A 24 27.94 8.65 -1.79
CA ALA A 24 27.63 9.67 -0.80
C ALA A 24 26.27 10.32 -1.02
N GLU A 25 25.38 9.67 -1.76
CA GLU A 25 24.03 10.19 -1.91
C GLU A 25 23.23 10.00 -0.62
N PRO A 26 22.34 10.94 -0.30
CA PRO A 26 21.49 10.76 0.88
C PRO A 26 20.26 9.92 0.56
N GLU A 27 19.78 9.25 1.60
CA GLU A 27 18.54 8.50 1.47
C GLU A 27 17.39 9.47 1.16
N LYS A 28 16.37 8.94 0.49
CA LYS A 28 15.24 9.78 0.10
C LYS A 28 14.54 10.34 1.34
N ILE A 29 14.29 11.64 1.34
CA ILE A 29 13.50 12.29 2.38
C ILE A 29 12.14 12.57 1.76
N TYR A 30 11.12 12.71 2.61
CA TYR A 30 9.74 12.63 2.15
C TYR A 30 8.95 13.91 2.45
N ALA A 31 8.14 14.33 1.48
CA ALA A 31 7.52 15.66 1.50
C ALA A 31 6.40 15.77 2.54
N MET A 32 5.50 14.76 2.60
CA MET A 32 4.50 14.54 3.64
C MET A 32 3.37 15.58 3.71
N PRO A 33 2.64 15.81 2.61
CA PRO A 33 1.59 16.84 2.63
C PRO A 33 0.40 16.45 3.49
N ASP A 34 -0.23 17.47 4.06
CA ASP A 34 -1.44 17.28 4.86
C ASP A 34 -2.61 16.85 3.99
N PRO A 35 -3.14 15.64 4.14
CA PRO A 35 -4.43 15.34 3.51
C PRO A 35 -5.59 16.06 4.18
N THR A 36 -5.41 16.57 5.41
CA THR A 36 -6.44 17.37 6.07
C THR A 36 -6.67 18.71 5.38
N VAL A 37 -5.62 19.31 4.82
CA VAL A 37 -5.69 20.67 4.27
C VAL A 37 -6.13 20.59 2.81
N PRO A 38 -7.20 21.28 2.43
CA PRO A 38 -7.54 21.36 1.00
C PRO A 38 -6.38 21.97 0.23
N ASP A 39 -5.96 21.27 -0.83
CA ASP A 39 -4.83 21.73 -1.63
C ASP A 39 -5.07 23.17 -2.10
N SER A 40 -4.00 23.98 -2.14
CA SER A 40 -4.12 25.41 -2.40
C SER A 40 -2.75 25.97 -2.81
N ASP A 41 -2.73 27.28 -3.12
CA ASP A 41 -1.47 28.02 -3.22
C ASP A 41 -0.70 27.93 -1.91
N ILE A 42 -1.32 28.37 -0.81
CA ILE A 42 -0.64 28.39 0.48
C ILE A 42 -0.24 27.00 0.90
N LYS A 43 -1.08 25.99 0.61
CA LYS A 43 -0.74 24.62 0.97
C LYS A 43 0.54 24.18 0.26
N ALA A 44 0.62 24.42 -1.05
CA ALA A 44 1.77 23.99 -1.83
C ALA A 44 3.05 24.65 -1.35
N LEU A 45 3.03 25.98 -1.16
CA LEU A 45 4.24 26.69 -0.73
C LEU A 45 4.65 26.29 0.67
N THR A 46 3.69 26.01 1.54
CA THR A 46 4.03 25.50 2.86
C THR A 46 4.69 24.13 2.74
N THR A 47 4.10 23.23 1.95
CA THR A 47 4.65 21.88 1.81
C THR A 47 6.09 21.93 1.29
N LEU A 48 6.32 22.67 0.19
CA LEU A 48 7.65 22.78 -0.41
C LEU A 48 8.63 23.52 0.48
N CYS A 49 8.16 24.48 1.27
CA CYS A 49 9.07 25.15 2.20
C CYS A 49 9.61 24.17 3.22
N ASP A 50 8.72 23.46 3.91
CA ASP A 50 9.22 22.52 4.89
C ASP A 50 10.12 21.45 4.23
N LEU A 51 9.83 21.08 2.98
CA LEU A 51 10.58 20.02 2.33
C LEU A 51 12.00 20.46 2.02
N ALA A 52 12.14 21.66 1.46
CA ALA A 52 13.47 22.18 1.15
C ALA A 52 14.29 22.36 2.41
N ASP A 53 13.67 22.85 3.50
CA ASP A 53 14.39 22.99 4.76
C ASP A 53 15.04 21.68 5.16
N ARG A 54 14.30 20.57 4.98
CA ARG A 54 14.86 19.27 5.37
C ARG A 54 15.94 18.84 4.38
N GLU A 55 15.70 19.01 3.07
CA GLU A 55 16.74 18.71 2.08
C GLU A 55 18.01 19.49 2.35
N LEU A 56 17.89 20.77 2.76
CA LEU A 56 19.09 21.58 2.99
C LEU A 56 19.94 21.01 4.13
N VAL A 57 19.31 20.55 5.19
CA VAL A 57 20.06 19.86 6.23
C VAL A 57 20.83 18.70 5.63
N VAL A 58 20.20 17.98 4.70
CA VAL A 58 20.87 16.83 4.10
C VAL A 58 21.94 17.26 3.10
N ILE A 59 21.85 18.48 2.55
CA ILE A 59 22.83 18.92 1.56
C ILE A 59 24.11 19.42 2.24
N ILE A 60 24.00 20.11 3.39
CA ILE A 60 25.21 20.41 4.17
C ILE A 60 25.94 19.13 4.52
N GLY A 61 25.19 18.08 4.86
CA GLY A 61 25.81 16.80 5.14
C GLY A 61 26.45 16.19 3.90
N TRP A 62 25.74 16.22 2.78
CA TRP A 62 26.25 15.65 1.53
C TRP A 62 27.44 16.45 0.98
N ALA A 63 27.43 17.78 1.14
CA ALA A 63 28.57 18.56 0.68
C ALA A 63 29.85 18.13 1.41
N LYS A 64 29.75 17.87 2.72
CA LYS A 64 30.96 17.55 3.48
C LYS A 64 31.68 16.34 2.91
N HIS A 65 30.99 15.50 2.14
CA HIS A 65 31.56 14.29 1.56
C HIS A 65 32.12 14.50 0.16
N ILE A 66 32.03 15.70 -0.40
CA ILE A 66 32.63 15.99 -1.70
C ILE A 66 34.13 15.92 -1.52
N PRO A 67 34.80 14.99 -2.19
CA PRO A 67 36.26 14.87 -2.02
C PRO A 67 36.96 16.19 -2.27
N GLY A 68 37.26 16.92 -1.20
CA GLY A 68 37.99 18.17 -1.30
C GLY A 68 37.28 19.29 -0.59
N PHE A 69 35.94 19.19 -0.57
CA PHE A 69 35.10 20.25 -0.01
C PHE A 69 35.47 20.53 1.45
N SER A 70 35.79 19.47 2.22
CA SER A 70 36.00 19.63 3.65
C SER A 70 37.21 20.51 3.98
N THR A 71 38.25 20.47 3.15
CA THR A 71 39.52 21.10 3.47
C THR A 71 39.55 22.61 3.20
N LEU A 72 38.50 23.18 2.62
CA LEU A 72 38.49 24.62 2.33
C LEU A 72 38.06 25.42 3.56
N SER A 73 38.15 26.75 3.45
CA SER A 73 37.69 27.64 4.50
C SER A 73 36.27 27.26 4.92
N LEU A 74 35.89 27.57 6.17
CA LEU A 74 34.46 27.62 6.48
C LEU A 74 33.81 28.78 5.72
N ALA A 75 34.54 29.90 5.60
CA ALA A 75 34.03 31.05 4.85
C ALA A 75 33.74 30.71 3.39
N ASP A 76 34.53 29.81 2.79
CA ASP A 76 34.24 29.39 1.43
C ASP A 76 33.24 28.25 1.34
N GLN A 77 33.15 27.39 2.36
CA GLN A 77 32.09 26.37 2.34
C GLN A 77 30.71 27.04 2.27
N MET A 78 30.52 28.15 2.99
CA MET A 78 29.27 28.89 2.87
C MET A 78 29.10 29.48 1.48
N SER A 79 30.18 30.07 0.94
CA SER A 79 30.10 30.80 -0.32
C SER A 79 29.61 29.90 -1.44
N LEU A 80 29.93 28.61 -1.38
CA LEU A 80 29.42 27.67 -2.37
C LEU A 80 27.95 27.32 -2.10
N LEU A 81 27.69 26.69 -0.95
CA LEU A 81 26.32 26.31 -0.63
C LEU A 81 25.36 27.47 -0.79
N GLN A 82 25.79 28.67 -0.38
CA GLN A 82 24.93 29.84 -0.52
C GLN A 82 24.70 30.19 -1.98
N SER A 83 25.59 29.74 -2.86
CA SER A 83 25.48 29.95 -4.29
C SER A 83 24.86 28.77 -5.03
N ALA A 84 24.97 27.57 -4.49
CA ALA A 84 24.53 26.39 -5.22
C ALA A 84 23.21 25.85 -4.73
N TRP A 85 22.82 26.13 -3.49
CA TRP A 85 21.83 25.28 -2.82
C TRP A 85 20.52 25.15 -3.62
N MET A 86 20.05 26.22 -4.26
CA MET A 86 18.84 26.07 -5.07
C MET A 86 19.08 25.20 -6.30
N GLU A 87 20.18 25.43 -7.03
CA GLU A 87 20.58 24.55 -8.14
C GLU A 87 20.60 23.09 -7.72
N ILE A 88 21.07 22.79 -6.51
CA ILE A 88 21.17 21.41 -6.05
C ILE A 88 19.78 20.84 -5.72
N LEU A 89 18.97 21.64 -5.00
CA LEU A 89 17.56 21.33 -4.84
C LEU A 89 16.93 20.97 -6.17
N ILE A 90 17.10 21.85 -7.16
CA ILE A 90 16.46 21.66 -8.47
C ILE A 90 17.02 20.43 -9.17
N LEU A 91 18.33 20.22 -9.08
CA LEU A 91 18.94 19.08 -9.74
C LEU A 91 18.33 17.77 -9.24
N GLY A 92 18.18 17.65 -7.92
CA GLY A 92 17.50 16.49 -7.36
C GLY A 92 16.11 16.32 -7.95
N VAL A 93 15.32 17.39 -7.91
CA VAL A 93 13.97 17.29 -8.42
C VAL A 93 13.99 16.92 -9.88
N VAL A 94 14.86 17.56 -10.66
CA VAL A 94 14.99 17.19 -12.06
C VAL A 94 15.20 15.70 -12.22
N TYR A 95 16.04 15.09 -11.36
CA TYR A 95 16.39 13.68 -11.52
C TYR A 95 15.22 12.76 -11.20
N ARG A 96 14.63 12.93 -10.04
CA ARG A 96 13.47 12.13 -9.71
C ARG A 96 12.40 12.21 -10.78
N SER A 97 12.42 13.26 -11.62
CA SER A 97 11.27 13.52 -12.47
C SER A 97 11.31 12.80 -13.82
N LEU A 98 12.40 12.07 -14.14
CA LEU A 98 12.56 11.50 -15.48
C LEU A 98 11.62 10.31 -15.72
N SER A 99 11.49 9.42 -14.77
CA SER A 99 10.58 8.31 -15.01
C SER A 99 9.10 8.73 -15.04
N PHE A 100 8.78 10.03 -15.10
CA PHE A 100 7.42 10.56 -15.19
C PHE A 100 7.25 11.41 -16.44
N GLU A 101 6.01 11.86 -16.70
CA GLU A 101 5.70 12.59 -17.93
C GLU A 101 5.03 13.92 -17.60
N ASP A 102 5.79 15.02 -17.75
CA ASP A 102 5.24 16.38 -17.65
C ASP A 102 4.75 16.68 -16.24
N GLU A 103 5.51 16.19 -15.27
CA GLU A 103 5.28 16.35 -13.84
C GLU A 103 6.65 16.51 -13.17
N LEU A 104 6.65 17.09 -11.97
CA LEU A 104 7.87 17.23 -11.19
C LEU A 104 7.77 16.45 -9.88
N VAL A 105 8.73 15.59 -9.65
CA VAL A 105 8.77 14.76 -8.45
C VAL A 105 9.64 15.52 -7.45
N TYR A 106 8.99 16.32 -6.60
CA TYR A 106 9.71 16.92 -5.47
C TYR A 106 10.13 15.85 -4.47
N ALA A 107 9.21 14.94 -4.16
CA ALA A 107 9.44 13.80 -3.30
C ALA A 107 8.60 12.64 -3.84
N ASP A 108 8.95 11.41 -3.42
CA ASP A 108 8.16 10.25 -3.80
C ASP A 108 6.67 10.43 -3.49
N ASP A 109 6.35 11.16 -2.43
CA ASP A 109 4.96 11.34 -2.04
C ASP A 109 4.45 12.72 -2.40
N TYR A 110 4.98 13.32 -3.45
CA TYR A 110 4.62 14.69 -3.79
C TYR A 110 5.04 14.98 -5.22
N ILE A 111 4.05 15.06 -6.12
CA ILE A 111 4.28 15.17 -7.55
C ILE A 111 3.32 16.22 -8.10
N MET A 112 3.87 17.21 -8.79
CA MET A 112 3.11 18.36 -9.28
C MET A 112 3.04 18.33 -10.81
N ASP A 113 1.84 18.42 -11.37
CA ASP A 113 1.70 18.47 -12.83
C ASP A 113 1.36 19.91 -13.27
N GLU A 114 1.13 20.10 -14.58
CA GLU A 114 0.90 21.44 -15.09
C GLU A 114 -0.22 22.13 -14.31
N ASP A 115 -1.36 21.45 -14.17
CA ASP A 115 -2.48 22.02 -13.43
C ASP A 115 -2.07 22.38 -12.01
N GLN A 116 -1.26 21.52 -11.38
CA GLN A 116 -0.86 21.80 -10.01
C GLN A 116 0.20 22.90 -9.93
N SER A 117 1.05 23.02 -10.95
CA SER A 117 1.96 24.17 -11.00
C SER A 117 1.17 25.47 -11.14
N LYS A 118 0.24 25.54 -12.08
CA LYS A 118 -0.53 26.77 -12.27
C LYS A 118 -1.24 27.19 -10.98
N LEU A 119 -1.41 26.26 -10.04
CA LEU A 119 -2.15 26.57 -8.82
C LEU A 119 -1.25 27.01 -7.68
N ALA A 120 0.00 26.57 -7.68
CA ALA A 120 0.99 27.05 -6.70
C ALA A 120 1.64 28.36 -7.12
N GLY A 121 1.33 28.87 -8.31
CA GLY A 121 1.98 30.05 -8.82
C GLY A 121 3.40 29.79 -9.25
N LEU A 122 3.64 28.66 -9.92
CA LEU A 122 4.97 28.27 -10.34
C LEU A 122 4.98 27.68 -11.74
N LEU A 123 3.98 27.96 -12.58
CA LEU A 123 3.95 27.30 -13.88
C LEU A 123 5.14 27.75 -14.73
N ASP A 124 5.38 29.07 -14.76
CA ASP A 124 6.56 29.59 -15.43
C ASP A 124 7.81 28.80 -15.04
N LEU A 125 8.17 28.87 -13.77
CA LEU A 125 9.40 28.24 -13.30
C LEU A 125 9.41 26.74 -13.59
N ASN A 126 8.28 26.08 -13.42
CA ASN A 126 8.30 24.63 -13.53
C ASN A 126 8.49 24.18 -14.97
N ASN A 127 7.83 24.83 -15.92
CA ASN A 127 8.07 24.48 -17.31
C ASN A 127 9.54 24.61 -17.65
N ALA A 128 10.22 25.60 -17.07
CA ALA A 128 11.65 25.72 -17.30
C ALA A 128 12.38 24.49 -16.77
N ILE A 129 12.09 24.11 -15.52
CA ILE A 129 12.68 22.91 -14.95
C ILE A 129 12.25 21.68 -15.73
N LEU A 130 11.08 21.71 -16.34
CA LEU A 130 10.66 20.60 -17.17
C LEU A 130 11.46 20.52 -18.47
N GLN A 131 12.00 21.63 -18.97
CA GLN A 131 12.95 21.58 -20.07
C GLN A 131 14.20 20.79 -19.71
N LEU A 132 14.68 20.99 -18.48
CA LEU A 132 15.86 20.25 -18.04
C LEU A 132 15.54 18.78 -17.83
N VAL A 133 14.37 18.45 -17.27
CA VAL A 133 13.93 17.06 -17.31
C VAL A 133 14.03 16.55 -18.74
N LYS A 134 13.38 17.22 -19.69
CA LYS A 134 13.34 16.70 -21.06
C LYS A 134 14.73 16.52 -21.64
N LYS A 135 15.58 17.55 -21.57
CA LYS A 135 16.88 17.46 -22.23
C LYS A 135 17.70 16.29 -21.67
N TYR A 136 17.60 16.07 -20.35
CA TYR A 136 18.38 14.99 -19.72
C TYR A 136 17.89 13.63 -20.19
N LYS A 137 16.58 13.41 -20.19
CA LYS A 137 16.04 12.14 -20.62
C LYS A 137 16.23 11.95 -22.12
N SER A 138 16.08 13.00 -22.90
CA SER A 138 16.42 12.92 -24.32
C SER A 138 17.80 12.33 -24.56
N MET A 139 18.74 12.50 -23.61
CA MET A 139 20.09 11.93 -23.74
C MET A 139 20.41 10.93 -22.62
N LYS A 140 19.35 10.33 -22.04
CA LYS A 140 19.41 9.13 -21.23
C LYS A 140 20.54 9.22 -20.20
N LEU A 141 20.42 10.22 -19.32
CA LEU A 141 21.37 10.48 -18.25
C LEU A 141 21.41 9.32 -17.26
N GLU A 142 22.59 9.09 -16.72
CA GLU A 142 22.90 8.01 -15.79
C GLU A 142 23.19 8.58 -14.41
N LYS A 143 22.81 7.83 -13.36
CA LYS A 143 23.10 8.26 -12.01
C LYS A 143 24.56 8.68 -11.83
N GLU A 144 25.50 7.93 -12.43
CA GLU A 144 26.90 8.33 -12.32
C GLU A 144 27.08 9.75 -12.87
N GLU A 145 26.41 10.05 -13.99
CA GLU A 145 26.51 11.36 -14.62
C GLU A 145 25.79 12.42 -13.77
N PHE A 146 24.63 12.05 -13.20
CA PHE A 146 23.90 12.95 -12.32
C PHE A 146 24.74 13.33 -11.11
N VAL A 147 25.17 12.33 -10.33
CA VAL A 147 26.03 12.55 -9.16
C VAL A 147 27.17 13.52 -9.51
N THR A 148 27.86 13.26 -10.62
CA THR A 148 29.02 14.09 -10.93
C THR A 148 28.62 15.47 -11.42
N LEU A 149 27.53 15.60 -12.18
CA LEU A 149 27.05 16.94 -12.53
C LEU A 149 26.57 17.68 -11.28
N LYS A 150 25.79 17.02 -10.41
CA LYS A 150 25.27 17.72 -9.24
C LYS A 150 26.41 18.31 -8.42
N ALA A 151 27.49 17.56 -8.27
CA ALA A 151 28.65 18.07 -7.54
C ALA A 151 29.34 19.20 -8.31
N ILE A 152 29.38 19.11 -9.65
CA ILE A 152 29.98 20.18 -10.46
C ILE A 152 29.24 21.49 -10.24
N ALA A 153 27.90 21.44 -10.23
CA ALA A 153 27.11 22.64 -10.05
C ALA A 153 27.46 23.33 -8.72
N LEU A 154 27.79 22.55 -7.69
CA LEU A 154 28.17 23.14 -6.42
C LEU A 154 29.57 23.75 -6.49
N ALA A 155 30.44 23.23 -7.36
CA ALA A 155 31.80 23.73 -7.47
C ALA A 155 31.90 24.99 -8.32
N ASN A 156 30.95 25.21 -9.23
CA ASN A 156 31.05 26.22 -10.26
C ASN A 156 29.95 27.26 -10.10
N SER A 157 29.53 27.49 -8.85
CA SER A 157 28.40 28.35 -8.53
C SER A 157 28.73 29.83 -8.71
N ASP A 158 30.01 30.15 -8.87
CA ASP A 158 30.43 31.49 -9.23
C ASP A 158 30.19 32.46 -8.09
N SER A 159 30.54 32.05 -6.89
CA SER A 159 30.41 32.97 -5.77
C SER A 159 31.12 34.27 -6.07
N MET A 160 30.59 35.35 -5.50
CA MET A 160 31.20 36.65 -5.65
C MET A 160 32.52 36.77 -4.88
N HIS A 161 32.74 35.96 -3.85
CA HIS A 161 33.80 36.22 -2.87
C HIS A 161 34.35 34.90 -2.35
N ILE A 162 35.48 34.48 -2.89
CA ILE A 162 36.14 33.23 -2.54
C ILE A 162 37.49 33.55 -1.92
N GLU A 163 37.81 32.86 -0.81
CA GLU A 163 39.09 33.12 -0.12
C GLU A 163 40.26 32.52 -0.89
N ASP A 164 40.11 31.28 -1.35
CA ASP A 164 41.13 30.59 -2.12
C ASP A 164 40.59 30.37 -3.53
N VAL A 165 40.56 31.46 -4.31
CA VAL A 165 40.15 31.34 -5.70
C VAL A 165 41.00 30.32 -6.46
N GLU A 166 42.10 29.86 -5.85
CA GLU A 166 42.93 28.79 -6.44
C GLU A 166 42.38 27.40 -6.09
N ALA A 167 42.11 27.15 -4.82
CA ALA A 167 41.72 25.79 -4.40
C ALA A 167 40.35 25.39 -4.93
N VAL A 168 39.47 26.37 -5.23
CA VAL A 168 38.16 26.04 -5.79
C VAL A 168 38.32 25.52 -7.22
N GLN A 169 39.09 26.22 -8.05
CA GLN A 169 39.42 25.72 -9.39
C GLN A 169 39.99 24.30 -9.34
N LYS A 170 40.73 23.96 -8.29
CA LYS A 170 41.15 22.58 -8.11
C LYS A 170 39.93 21.67 -8.02
N LEU A 171 39.02 21.96 -7.08
CA LEU A 171 37.82 21.15 -6.94
C LEU A 171 37.06 21.08 -8.25
N GLN A 172 36.95 22.20 -8.97
CA GLN A 172 36.35 22.18 -10.28
C GLN A 172 37.10 21.25 -11.22
N ASP A 173 38.44 21.41 -11.29
CA ASP A 173 39.27 20.62 -12.20
C ASP A 173 39.18 19.12 -11.91
N VAL A 174 39.01 18.73 -10.64
CA VAL A 174 38.92 17.33 -10.28
C VAL A 174 37.61 16.72 -10.80
N LEU A 175 36.49 17.30 -10.37
CA LEU A 175 35.21 16.81 -10.86
C LEU A 175 35.16 16.92 -12.38
N HIS A 176 35.77 17.97 -12.92
CA HIS A 176 35.88 18.09 -14.37
C HIS A 176 36.60 16.88 -14.95
N GLU A 177 37.77 16.53 -14.38
CA GLU A 177 38.49 15.33 -14.84
C GLU A 177 37.62 14.09 -14.68
N ALA A 178 37.08 13.89 -13.48
CA ALA A 178 36.17 12.77 -13.22
C ALA A 178 35.11 12.65 -14.31
N LEU A 179 34.54 13.78 -14.74
CA LEU A 179 33.48 13.70 -15.76
C LEU A 179 34.05 13.32 -17.11
N GLN A 180 35.27 13.79 -17.47
CA GLN A 180 35.87 13.36 -18.73
C GLN A 180 36.30 11.90 -18.64
N ASP A 181 37.07 11.54 -17.61
CA ASP A 181 37.53 10.17 -17.43
C ASP A 181 36.36 9.17 -17.50
N TYR A 182 35.26 9.47 -16.80
CA TYR A 182 34.10 8.57 -16.86
C TYR A 182 33.48 8.57 -18.26
N GLU A 183 33.17 9.76 -18.79
CA GLU A 183 32.51 9.85 -20.09
C GLU A 183 33.37 9.22 -21.17
N ALA A 184 34.68 9.47 -21.12
CA ALA A 184 35.58 8.82 -22.06
C ALA A 184 35.49 7.32 -21.91
N GLY A 185 35.43 6.84 -20.67
CA GLY A 185 35.34 5.43 -20.33
C GLY A 185 34.07 4.72 -20.73
N GLN A 186 32.97 4.92 -19.99
CA GLN A 186 31.75 4.14 -20.19
C GLN A 186 30.90 4.65 -21.35
N HIS A 187 31.39 5.60 -22.14
CA HIS A 187 30.62 6.25 -23.19
C HIS A 187 31.51 6.65 -24.36
N MET A 188 32.14 5.67 -25.01
CA MET A 188 32.97 5.98 -26.17
C MET A 188 32.15 6.11 -27.45
N GLU A 189 30.83 5.91 -27.37
CA GLU A 189 29.92 6.10 -28.49
C GLU A 189 29.81 7.54 -28.94
N ASP A 190 30.12 8.51 -28.05
CA ASP A 190 29.98 9.96 -28.23
C ASP A 190 31.14 10.70 -27.56
N PRO A 191 32.10 11.19 -28.33
CA PRO A 191 33.25 11.89 -27.71
C PRO A 191 32.97 13.35 -27.35
N ARG A 192 32.01 13.99 -28.02
CA ARG A 192 31.54 15.31 -27.59
C ARG A 192 30.28 15.14 -26.73
N ARG A 193 30.50 14.52 -25.56
CA ARG A 193 29.45 14.14 -24.62
C ARG A 193 29.60 14.75 -23.23
N ALA A 194 30.81 14.87 -22.69
CA ALA A 194 30.91 15.69 -21.50
C ALA A 194 30.52 17.13 -21.82
N GLY A 195 30.96 17.64 -22.96
CA GLY A 195 30.58 18.99 -23.33
C GLY A 195 29.07 19.17 -23.33
N LYS A 196 28.36 18.26 -24.02
CA LYS A 196 26.92 18.22 -23.92
C LYS A 196 26.47 18.27 -22.46
N MET A 197 26.99 17.36 -21.62
CA MET A 197 26.67 17.37 -20.20
C MET A 197 26.95 18.74 -19.57
N LEU A 198 28.15 19.29 -19.80
CA LEU A 198 28.56 20.58 -19.22
C LEU A 198 27.72 21.74 -19.72
N MET A 199 27.18 21.63 -20.93
CA MET A 199 26.42 22.66 -21.60
C MET A 199 24.96 22.66 -21.17
N THR A 200 24.53 21.68 -20.39
CA THR A 200 23.26 21.81 -19.69
C THR A 200 23.40 22.67 -18.47
N LEU A 201 24.58 22.69 -17.85
CA LEU A 201 24.79 23.55 -16.69
C LEU A 201 24.18 24.94 -16.85
N PRO A 202 24.28 25.62 -18.01
CA PRO A 202 23.62 26.94 -18.13
C PRO A 202 22.12 26.96 -17.86
N LEU A 203 21.31 26.17 -18.57
CA LEU A 203 19.88 26.15 -18.26
C LEU A 203 19.61 25.91 -16.77
N LEU A 204 20.40 25.05 -16.12
CA LEU A 204 20.24 24.81 -14.70
C LEU A 204 20.58 26.05 -13.87
N ARG A 205 21.50 26.89 -14.30
CA ARG A 205 21.65 28.17 -13.63
C ARG A 205 20.43 29.08 -13.83
N GLN A 206 19.69 28.97 -14.95
CA GLN A 206 18.66 29.98 -15.18
C GLN A 206 17.40 29.63 -14.43
N THR A 207 17.07 28.34 -14.40
CA THR A 207 16.07 27.85 -13.47
C THR A 207 16.42 28.36 -12.06
N SER A 208 17.63 28.09 -11.57
CA SER A 208 17.95 28.49 -10.20
C SER A 208 17.85 30.00 -10.02
N THR A 209 18.33 30.75 -11.01
CA THR A 209 18.34 32.20 -10.82
C THR A 209 16.93 32.74 -10.72
N LYS A 210 16.04 32.30 -11.61
CA LYS A 210 14.64 32.69 -11.54
C LYS A 210 14.01 32.21 -10.26
N ALA A 211 14.24 30.94 -9.93
CA ALA A 211 13.70 30.39 -8.68
C ALA A 211 14.08 31.26 -7.50
N VAL A 212 15.38 31.56 -7.36
CA VAL A 212 15.82 32.36 -6.24
C VAL A 212 15.12 33.71 -6.23
N GLN A 213 14.88 34.29 -7.40
CA GLN A 213 14.28 35.61 -7.37
C GLN A 213 12.86 35.55 -6.83
N HIS A 214 12.04 34.66 -7.39
CA HIS A 214 10.69 34.40 -6.90
C HIS A 214 10.67 34.15 -5.38
N PHE A 215 11.51 33.22 -4.91
CA PHE A 215 11.70 32.99 -3.49
C PHE A 215 11.74 34.25 -2.64
N TYR A 216 12.38 35.33 -3.14
CA TYR A 216 12.40 36.59 -2.39
C TYR A 216 11.10 37.37 -2.57
N ASN A 217 10.63 37.50 -3.82
CA ASN A 217 9.44 38.28 -4.13
C ASN A 217 8.24 37.93 -3.25
N ILE A 218 8.09 36.65 -2.90
CA ILE A 218 7.02 36.24 -2.01
C ILE A 218 7.52 36.14 -0.57
N LYS A 219 8.69 36.72 -0.28
CA LYS A 219 9.24 36.80 1.07
C LYS A 219 9.17 35.44 1.77
N LEU A 220 10.03 34.53 1.31
CA LEU A 220 10.19 33.22 1.95
C LEU A 220 11.49 33.08 2.75
N GLU A 221 12.39 34.06 2.69
CA GLU A 221 13.71 33.96 3.34
C GLU A 221 13.62 33.94 4.84
N GLY A 222 12.48 34.30 5.41
CA GLY A 222 12.42 34.26 6.84
C GLY A 222 13.20 35.43 7.41
N LYS A 223 13.72 35.21 8.62
CA LYS A 223 14.23 36.27 9.47
C LYS A 223 15.69 36.08 9.85
N VAL A 224 16.21 34.86 9.76
CA VAL A 224 17.65 34.60 9.81
C VAL A 224 18.16 34.50 8.37
N PRO A 225 19.21 35.24 8.00
CA PRO A 225 19.70 35.16 6.61
C PRO A 225 20.28 33.79 6.30
N MET A 226 20.07 33.34 5.06
CA MET A 226 20.56 32.03 4.66
C MET A 226 22.01 31.85 5.07
N HIS A 227 22.83 32.89 4.88
CA HIS A 227 24.25 32.75 5.21
C HIS A 227 24.41 32.35 6.68
N LYS A 228 23.57 32.89 7.56
CA LYS A 228 23.67 32.54 8.98
C LYS A 228 23.35 31.07 9.21
N LEU A 229 22.32 30.57 8.54
CA LEU A 229 21.88 29.19 8.73
C LEU A 229 22.94 28.19 8.23
N PHE A 230 23.64 28.52 7.15
CA PHE A 230 24.60 27.59 6.57
C PHE A 230 25.82 27.38 7.46
N LEU A 231 26.28 28.43 8.15
CA LEU A 231 27.42 28.28 9.04
C LEU A 231 27.07 27.45 10.27
N GLU A 232 25.90 27.71 10.89
CA GLU A 232 25.41 26.82 11.94
C GLU A 232 25.56 25.34 11.53
N MET A 233 24.85 24.93 10.48
CA MET A 233 24.85 23.54 10.08
C MET A 233 26.26 23.02 9.82
N LEU A 234 27.12 23.83 9.20
CA LEU A 234 28.50 23.42 8.98
C LEU A 234 29.31 23.36 10.28
N GLU A 235 28.62 23.25 11.43
CA GLU A 235 29.25 23.02 12.74
C GLU A 235 28.50 21.98 13.58
N TYR B 14 -7.07 8.10 -18.20
CA TYR B 14 -5.96 8.41 -17.27
C TYR B 14 -6.41 8.70 -15.82
N ASN B 15 -5.56 8.35 -14.85
CA ASN B 15 -5.91 8.51 -13.44
C ASN B 15 -4.62 8.60 -12.62
N LYS B 16 -4.33 9.78 -12.06
CA LYS B 16 -2.99 10.02 -11.52
C LYS B 16 -2.61 9.00 -10.45
N ILE B 17 -3.56 8.58 -9.61
CA ILE B 17 -3.23 7.58 -8.59
C ILE B 17 -2.81 6.29 -9.28
N VAL B 18 -3.65 5.78 -10.18
CA VAL B 18 -3.31 4.53 -10.86
C VAL B 18 -2.00 4.72 -11.62
N SER B 19 -1.72 5.91 -12.14
CA SER B 19 -0.53 6.07 -12.97
C SER B 19 0.73 6.10 -12.12
N HIS B 20 0.73 6.86 -11.03
CA HIS B 20 1.92 6.93 -10.19
C HIS B 20 2.16 5.61 -9.47
N LEU B 21 1.08 4.96 -9.00
CA LEU B 21 1.23 3.61 -8.45
C LEU B 21 1.95 2.70 -9.42
N LEU B 22 1.64 2.83 -10.72
CA LEU B 22 2.31 2.03 -11.75
C LEU B 22 3.81 2.22 -11.68
N VAL B 23 4.26 3.49 -11.51
CA VAL B 23 5.70 3.84 -11.51
C VAL B 23 6.36 3.41 -10.20
N ALA B 24 5.62 3.45 -9.08
CA ALA B 24 6.17 3.02 -7.80
C ALA B 24 6.44 1.51 -7.69
N GLU B 25 6.19 0.71 -8.72
CA GLU B 25 6.39 -0.74 -8.61
C GLU B 25 7.87 -1.04 -8.48
N PRO B 26 8.29 -1.81 -7.49
CA PRO B 26 9.71 -2.12 -7.31
C PRO B 26 10.28 -2.93 -8.46
N GLU B 27 11.60 -3.07 -8.45
CA GLU B 27 12.27 -3.88 -9.44
C GLU B 27 12.29 -5.34 -8.98
N LYS B 28 12.22 -6.25 -9.96
CA LYS B 28 12.23 -7.69 -9.72
C LYS B 28 13.19 -8.08 -8.60
N ILE B 29 12.70 -8.89 -7.63
CA ILE B 29 13.58 -9.57 -6.69
C ILE B 29 13.79 -10.97 -7.24
N TYR B 30 14.90 -11.58 -6.87
CA TYR B 30 15.17 -12.94 -7.31
C TYR B 30 15.42 -13.84 -6.12
N ALA B 31 14.93 -15.08 -6.21
CA ALA B 31 15.18 -16.05 -5.17
C ALA B 31 16.65 -16.47 -5.14
N MET B 32 17.25 -16.69 -6.31
CA MET B 32 18.66 -17.06 -6.43
C MET B 32 18.97 -18.32 -5.62
N PRO B 33 18.25 -19.41 -5.84
CA PRO B 33 18.53 -20.64 -5.09
C PRO B 33 19.80 -21.32 -5.57
N ASP B 34 20.48 -21.97 -4.64
CA ASP B 34 21.73 -22.66 -4.99
C ASP B 34 21.45 -23.87 -5.86
N PRO B 35 21.86 -23.88 -7.13
CA PRO B 35 21.56 -25.02 -8.02
C PRO B 35 22.46 -26.22 -7.80
N THR B 36 23.55 -26.07 -7.06
CA THR B 36 24.36 -27.23 -6.72
C THR B 36 23.68 -28.07 -5.67
N VAL B 37 22.65 -27.54 -5.00
CA VAL B 37 22.08 -28.06 -3.76
C VAL B 37 20.72 -28.70 -4.07
N PRO B 38 20.54 -29.99 -3.83
CA PRO B 38 19.31 -30.67 -4.26
C PRO B 38 18.08 -30.26 -3.45
N ASP B 39 16.94 -30.26 -4.14
CA ASP B 39 15.69 -29.73 -3.60
C ASP B 39 15.33 -30.41 -2.27
N SER B 40 14.43 -29.79 -1.50
CA SER B 40 14.00 -30.40 -0.24
C SER B 40 13.10 -29.54 0.66
N ASP B 41 12.44 -30.21 1.62
CA ASP B 41 11.81 -29.57 2.77
C ASP B 41 12.60 -28.32 3.15
N ILE B 42 13.87 -28.51 3.50
CA ILE B 42 14.67 -27.41 4.02
C ILE B 42 14.99 -26.39 2.93
N LYS B 43 15.35 -26.85 1.71
CA LYS B 43 15.79 -25.92 0.67
C LYS B 43 14.65 -25.05 0.16
N ALA B 44 13.48 -25.65 -0.08
CA ALA B 44 12.36 -24.84 -0.53
C ALA B 44 12.07 -23.71 0.45
N LEU B 45 12.12 -24.01 1.75
CA LEU B 45 11.64 -23.05 2.74
C LEU B 45 12.66 -21.93 2.98
N THR B 46 13.94 -22.27 2.93
CA THR B 46 14.97 -21.24 2.99
C THR B 46 14.87 -20.34 1.76
N THR B 47 14.79 -20.94 0.57
CA THR B 47 14.60 -20.16 -0.65
C THR B 47 13.45 -19.18 -0.51
N LEU B 48 12.33 -19.63 0.07
CA LEU B 48 11.17 -18.76 0.26
C LEU B 48 11.44 -17.68 1.30
N CYS B 49 12.25 -18.00 2.32
CA CYS B 49 12.52 -17.02 3.38
C CYS B 49 13.46 -15.91 2.90
N ASP B 50 14.52 -16.26 2.16
CA ASP B 50 15.42 -15.24 1.63
C ASP B 50 14.69 -14.31 0.66
N LEU B 51 13.88 -14.89 -0.22
CA LEU B 51 13.10 -14.09 -1.18
C LEU B 51 12.22 -13.08 -0.46
N ALA B 52 11.49 -13.54 0.56
CA ALA B 52 10.57 -12.66 1.28
C ALA B 52 11.32 -11.61 2.07
N ASP B 53 12.51 -11.96 2.54
CA ASP B 53 13.31 -10.98 3.27
C ASP B 53 13.74 -9.87 2.33
N ARG B 54 14.24 -10.23 1.14
CA ARG B 54 14.52 -9.21 0.13
C ARG B 54 13.30 -8.34 -0.12
N GLU B 55 12.13 -8.95 -0.36
CA GLU B 55 10.95 -8.16 -0.69
C GLU B 55 10.54 -7.19 0.43
N LEU B 56 10.77 -7.57 1.69
CA LEU B 56 10.37 -6.75 2.83
C LEU B 56 11.30 -5.56 3.06
N VAL B 57 12.56 -5.66 2.63
CA VAL B 57 13.42 -4.47 2.56
C VAL B 57 12.71 -3.35 1.79
N VAL B 58 12.21 -3.69 0.60
CA VAL B 58 11.71 -2.70 -0.35
C VAL B 58 10.23 -2.37 -0.16
N ILE B 59 9.53 -3.02 0.80
CA ILE B 59 8.10 -2.76 0.95
C ILE B 59 7.88 -1.40 1.58
N ILE B 60 8.70 -1.04 2.57
CA ILE B 60 8.54 0.25 3.23
C ILE B 60 8.67 1.38 2.22
N GLY B 61 9.68 1.31 1.35
CA GLY B 61 9.86 2.37 0.37
C GLY B 61 8.69 2.48 -0.58
N TRP B 62 8.25 1.34 -1.11
CA TRP B 62 7.01 1.31 -1.89
C TRP B 62 5.87 2.02 -1.16
N ALA B 63 5.62 1.64 0.10
CA ALA B 63 4.44 2.18 0.77
C ALA B 63 4.52 3.70 0.90
N LYS B 64 5.72 4.23 1.12
CA LYS B 64 5.93 5.68 1.21
C LYS B 64 5.26 6.42 0.05
N HIS B 65 5.19 5.77 -1.14
CA HIS B 65 4.55 6.32 -2.32
C HIS B 65 3.02 6.37 -2.25
N ILE B 66 2.38 5.80 -1.23
CA ILE B 66 0.92 5.78 -1.23
C ILE B 66 0.34 7.08 -0.67
N PRO B 67 -0.41 7.81 -1.46
CA PRO B 67 -0.99 9.08 -1.00
C PRO B 67 -1.68 8.99 0.34
N GLY B 68 -1.04 9.55 1.37
CA GLY B 68 -1.57 9.62 2.71
C GLY B 68 -0.74 8.82 3.69
N PHE B 69 -0.07 7.79 3.19
CA PHE B 69 0.74 6.90 4.03
C PHE B 69 1.93 7.64 4.62
N SER B 70 2.59 8.49 3.83
CA SER B 70 3.74 9.24 4.35
C SER B 70 3.38 10.04 5.60
N THR B 71 2.16 10.59 5.66
CA THR B 71 1.68 11.46 6.71
C THR B 71 0.87 10.75 7.81
N LEU B 72 0.80 9.43 7.79
CA LEU B 72 0.34 8.72 8.98
C LEU B 72 1.50 8.62 9.96
N SER B 73 1.18 8.56 11.24
CA SER B 73 2.23 8.46 12.25
C SER B 73 3.18 7.30 11.94
N LEU B 74 4.44 7.46 12.33
CA LEU B 74 5.41 6.40 12.10
C LEU B 74 4.98 5.08 12.72
N ALA B 75 4.05 5.12 13.66
CA ALA B 75 3.52 3.92 14.30
C ALA B 75 2.36 3.35 13.51
N ASP B 76 1.40 4.20 13.16
CA ASP B 76 0.32 3.78 12.29
C ASP B 76 0.83 3.29 10.92
N GLN B 77 2.05 3.66 10.52
CA GLN B 77 2.64 3.01 9.35
C GLN B 77 3.05 1.59 9.68
N MET B 78 3.71 1.40 10.83
CA MET B 78 4.07 0.06 11.28
C MET B 78 2.85 -0.87 11.36
N SER B 79 1.69 -0.34 11.76
CA SER B 79 0.51 -1.17 11.98
C SER B 79 -0.08 -1.67 10.66
N LEU B 80 -0.41 -0.76 9.74
CA LEU B 80 -0.81 -1.15 8.39
C LEU B 80 0.13 -2.20 7.83
N LEU B 81 1.43 -2.01 8.01
CA LEU B 81 2.39 -2.97 7.46
C LEU B 81 2.39 -4.30 8.23
N GLN B 82 2.15 -4.28 9.55
CA GLN B 82 2.17 -5.56 10.26
C GLN B 82 0.92 -6.38 9.94
N SER B 83 -0.21 -5.72 9.75
CA SER B 83 -1.40 -6.42 9.26
C SER B 83 -1.18 -6.96 7.86
N ALA B 84 -0.71 -6.11 6.96
CA ALA B 84 -0.82 -6.29 5.52
C ALA B 84 0.40 -6.93 4.87
N TRP B 85 1.47 -7.24 5.59
CA TRP B 85 2.67 -7.62 4.83
C TRP B 85 2.46 -8.92 4.06
N MET B 86 1.93 -9.96 4.71
CA MET B 86 1.77 -11.22 4.02
C MET B 86 0.79 -11.09 2.84
N GLU B 87 -0.33 -10.37 3.03
CA GLU B 87 -1.22 -10.10 1.91
C GLU B 87 -0.44 -9.59 0.70
N ILE B 88 0.48 -8.64 0.93
CA ILE B 88 1.13 -7.95 -0.19
C ILE B 88 2.10 -8.87 -0.91
N LEU B 89 3.01 -9.50 -0.16
CA LEU B 89 3.83 -10.55 -0.77
C LEU B 89 2.98 -11.55 -1.60
N ILE B 90 1.91 -12.09 -1.01
CA ILE B 90 1.12 -13.08 -1.72
C ILE B 90 0.59 -12.48 -3.02
N LEU B 91 -0.10 -11.34 -2.90
CA LEU B 91 -0.71 -10.69 -4.05
C LEU B 91 0.30 -10.50 -5.17
N GLY B 92 1.49 -10.05 -4.81
CA GLY B 92 2.63 -10.09 -5.71
C GLY B 92 2.76 -11.41 -6.45
N VAL B 93 3.19 -12.45 -5.74
CA VAL B 93 3.16 -13.82 -6.26
C VAL B 93 1.93 -14.08 -7.12
N VAL B 94 0.74 -13.72 -6.63
CA VAL B 94 -0.48 -14.05 -7.37
C VAL B 94 -0.47 -13.37 -8.74
N TYR B 95 -0.13 -12.08 -8.78
CA TYR B 95 -0.03 -11.40 -10.08
C TYR B 95 0.98 -12.09 -10.99
N ARG B 96 2.21 -12.27 -10.50
CA ARG B 96 3.23 -12.91 -11.31
C ARG B 96 2.78 -14.25 -11.89
N SER B 97 1.77 -14.89 -11.31
CA SER B 97 1.43 -16.25 -11.68
C SER B 97 0.31 -16.34 -12.71
N LEU B 98 -0.30 -15.20 -13.06
CA LEU B 98 -1.47 -15.15 -13.95
C LEU B 98 -1.24 -15.74 -15.33
N SER B 99 0.01 -15.91 -15.77
CA SER B 99 0.26 -16.47 -17.09
C SER B 99 0.57 -17.96 -17.06
N PHE B 100 0.65 -18.57 -15.89
CA PHE B 100 0.96 -19.98 -15.78
C PHE B 100 -0.30 -20.76 -15.46
N GLU B 101 -0.19 -22.08 -15.61
CA GLU B 101 -1.27 -23.01 -15.25
C GLU B 101 -0.75 -23.87 -14.10
N ASP B 102 -1.25 -23.59 -12.89
CA ASP B 102 -1.07 -24.32 -11.63
C ASP B 102 0.31 -24.11 -11.00
N GLU B 103 1.16 -23.28 -11.55
CA GLU B 103 2.39 -22.94 -10.89
C GLU B 103 2.21 -21.58 -10.21
N LEU B 104 3.00 -21.36 -9.17
CA LEU B 104 3.06 -20.08 -8.49
C LEU B 104 4.43 -19.49 -8.74
N VAL B 105 4.45 -18.32 -9.39
CA VAL B 105 5.70 -17.64 -9.74
C VAL B 105 6.10 -16.79 -8.54
N TYR B 106 6.85 -17.42 -7.63
CA TYR B 106 7.43 -16.71 -6.49
C TYR B 106 8.49 -15.69 -6.94
N ALA B 107 9.14 -15.96 -8.07
CA ALA B 107 10.23 -15.19 -8.64
C ALA B 107 10.55 -15.82 -9.99
N ASP B 108 11.05 -15.05 -10.95
CA ASP B 108 11.32 -15.63 -12.27
C ASP B 108 12.20 -16.86 -12.16
N ASP B 109 13.09 -16.88 -11.17
CA ASP B 109 14.02 -17.98 -10.97
C ASP B 109 13.51 -19.02 -9.94
N TYR B 110 12.27 -18.91 -9.49
CA TYR B 110 11.76 -19.84 -8.49
C TYR B 110 10.25 -19.96 -8.65
N ILE B 111 9.82 -21.00 -9.38
CA ILE B 111 8.42 -21.25 -9.71
C ILE B 111 8.03 -22.61 -9.15
N MET B 112 7.07 -22.62 -8.23
CA MET B 112 6.64 -23.85 -7.58
C MET B 112 5.44 -24.45 -8.29
N ASP B 113 5.48 -25.76 -8.53
CA ASP B 113 4.37 -26.51 -9.08
C ASP B 113 3.67 -27.31 -7.97
N GLU B 114 2.66 -28.09 -8.35
CA GLU B 114 1.97 -28.88 -7.34
C GLU B 114 2.96 -29.80 -6.61
N ASP B 115 3.79 -30.51 -7.37
CA ASP B 115 4.74 -31.42 -6.73
C ASP B 115 5.64 -30.68 -5.75
N GLN B 116 6.28 -29.59 -6.21
CA GLN B 116 7.14 -28.82 -5.32
C GLN B 116 6.39 -28.32 -4.10
N SER B 117 5.14 -27.90 -4.28
CA SER B 117 4.35 -27.43 -3.14
C SER B 117 4.22 -28.50 -2.08
N LYS B 118 3.94 -29.75 -2.49
CA LYS B 118 3.80 -30.83 -1.52
C LYS B 118 5.13 -31.07 -0.80
N LEU B 119 6.25 -31.00 -1.52
CA LEU B 119 7.55 -31.19 -0.89
C LEU B 119 7.81 -30.14 0.19
N ALA B 120 7.23 -28.95 0.04
CA ALA B 120 7.45 -27.88 0.98
C ALA B 120 6.39 -27.86 2.07
N GLY B 121 5.37 -28.70 1.97
CA GLY B 121 4.29 -28.67 2.92
C GLY B 121 3.47 -27.41 2.86
N LEU B 122 3.42 -26.78 1.69
CA LEU B 122 2.54 -25.65 1.45
C LEU B 122 1.39 -26.01 0.54
N LEU B 123 1.16 -27.31 0.30
CA LEU B 123 0.14 -27.72 -0.65
C LEU B 123 -1.21 -27.06 -0.37
N ASP B 124 -1.72 -27.19 0.86
CA ASP B 124 -3.05 -26.62 1.10
C ASP B 124 -3.00 -25.11 0.97
N LEU B 125 -1.92 -24.49 1.44
CA LEU B 125 -1.79 -23.05 1.31
C LEU B 125 -1.69 -22.66 -0.16
N ASN B 126 -0.66 -23.17 -0.85
CA ASN B 126 -0.45 -22.83 -2.25
C ASN B 126 -1.67 -23.10 -3.12
N ASN B 127 -2.45 -24.14 -2.81
CA ASN B 127 -3.63 -24.44 -3.63
C ASN B 127 -4.68 -23.35 -3.52
N ALA B 128 -4.83 -22.74 -2.34
CA ALA B 128 -5.73 -21.60 -2.18
C ALA B 128 -5.24 -20.40 -2.98
N ILE B 129 -3.94 -20.11 -2.90
CA ILE B 129 -3.36 -19.04 -3.71
C ILE B 129 -3.67 -19.27 -5.18
N LEU B 130 -3.47 -20.51 -5.65
CA LEU B 130 -3.78 -20.79 -7.04
C LEU B 130 -5.22 -20.42 -7.37
N GLN B 131 -6.06 -20.32 -6.34
CA GLN B 131 -7.47 -20.02 -6.54
C GLN B 131 -7.65 -18.55 -6.87
N LEU B 132 -7.04 -17.69 -6.06
CA LEU B 132 -6.93 -16.27 -6.37
C LEU B 132 -6.43 -16.04 -7.79
N VAL B 133 -5.41 -16.80 -8.19
CA VAL B 133 -4.95 -16.74 -9.57
C VAL B 133 -6.15 -16.93 -10.50
N LYS B 134 -6.77 -18.12 -10.40
CA LYS B 134 -7.85 -18.52 -11.29
C LYS B 134 -8.95 -17.45 -11.39
N LYS B 135 -9.30 -16.81 -10.26
CA LYS B 135 -10.32 -15.76 -10.31
C LYS B 135 -9.84 -14.56 -11.09
N TYR B 136 -8.60 -14.11 -10.79
CA TYR B 136 -8.02 -13.00 -11.56
C TYR B 136 -7.87 -13.37 -13.01
N LYS B 137 -7.45 -14.62 -13.28
CA LYS B 137 -7.31 -15.05 -14.67
C LYS B 137 -8.62 -14.85 -15.42
N SER B 138 -9.73 -15.29 -14.82
CA SER B 138 -11.02 -15.16 -15.46
C SER B 138 -11.43 -13.70 -15.61
N MET B 139 -10.94 -12.84 -14.73
CA MET B 139 -11.25 -11.41 -14.75
C MET B 139 -10.34 -10.61 -15.69
N LYS B 140 -9.38 -11.27 -16.32
CA LYS B 140 -8.32 -10.64 -17.11
C LYS B 140 -7.75 -9.41 -16.38
N LEU B 141 -7.39 -9.62 -15.11
CA LEU B 141 -6.95 -8.53 -14.25
C LEU B 141 -5.75 -7.83 -14.88
N GLU B 142 -5.81 -6.50 -14.93
CA GLU B 142 -4.75 -5.68 -15.48
C GLU B 142 -3.78 -5.24 -14.38
N LYS B 143 -2.52 -4.96 -14.77
CA LYS B 143 -1.54 -4.48 -13.80
C LYS B 143 -2.00 -3.20 -13.11
N GLU B 144 -2.67 -2.32 -13.86
CA GLU B 144 -3.24 -1.11 -13.27
C GLU B 144 -4.16 -1.44 -12.08
N GLU B 145 -4.89 -2.55 -12.17
CA GLU B 145 -5.84 -2.92 -11.12
C GLU B 145 -5.15 -3.68 -10.00
N PHE B 146 -4.14 -4.50 -10.34
CA PHE B 146 -3.29 -5.14 -9.34
C PHE B 146 -2.68 -4.15 -8.39
N VAL B 147 -2.03 -3.10 -8.92
CA VAL B 147 -1.36 -2.15 -8.05
C VAL B 147 -2.39 -1.35 -7.23
N THR B 148 -3.53 -0.99 -7.83
CA THR B 148 -4.55 -0.35 -7.01
C THR B 148 -5.01 -1.32 -5.91
N LEU B 149 -5.22 -2.59 -6.27
CA LEU B 149 -5.56 -3.60 -5.27
C LEU B 149 -4.44 -3.80 -4.27
N LYS B 150 -3.18 -3.88 -4.74
CA LYS B 150 -2.06 -4.06 -3.81
C LYS B 150 -2.08 -2.96 -2.76
N ALA B 151 -2.45 -1.74 -3.15
CA ALA B 151 -2.46 -0.58 -2.26
C ALA B 151 -3.70 -0.53 -1.37
N ILE B 152 -4.86 -0.93 -1.90
CA ILE B 152 -6.05 -0.99 -1.05
C ILE B 152 -5.91 -2.06 0.04
N ALA B 153 -5.22 -3.16 -0.24
CA ALA B 153 -5.05 -4.20 0.78
C ALA B 153 -4.33 -3.65 2.01
N LEU B 154 -3.25 -2.90 1.78
CA LEU B 154 -2.53 -2.27 2.89
C LEU B 154 -3.39 -1.22 3.58
N ALA B 155 -4.08 -0.38 2.81
CA ALA B 155 -5.01 0.62 3.35
C ALA B 155 -6.11 0.03 4.24
N ASN B 156 -6.36 -1.29 4.13
CA ASN B 156 -7.58 -1.92 4.61
C ASN B 156 -7.26 -3.19 5.41
N SER B 157 -6.04 -3.28 5.91
CA SER B 157 -5.50 -4.41 6.65
C SER B 157 -6.24 -4.70 7.96
N ASP B 158 -7.15 -3.82 8.38
CA ASP B 158 -7.95 -4.01 9.60
C ASP B 158 -7.09 -4.30 10.82
N SER B 159 -6.09 -3.44 11.05
CA SER B 159 -5.30 -3.60 12.26
C SER B 159 -6.15 -3.23 13.47
N MET B 160 -5.82 -3.83 14.62
CA MET B 160 -6.52 -3.47 15.85
C MET B 160 -6.02 -2.17 16.47
N HIS B 161 -4.87 -1.62 16.02
CA HIS B 161 -4.19 -0.56 16.77
C HIS B 161 -3.96 0.73 16.00
N ILE B 162 -4.95 1.25 15.32
CA ILE B 162 -4.72 2.46 14.56
C ILE B 162 -4.99 3.68 15.44
N GLU B 163 -4.22 4.74 15.24
CA GLU B 163 -4.36 5.94 16.03
C GLU B 163 -5.27 6.98 15.39
N ASP B 164 -5.13 7.18 14.09
CA ASP B 164 -5.88 8.20 13.35
C ASP B 164 -6.91 7.54 12.44
N VAL B 165 -7.72 6.63 12.99
CA VAL B 165 -8.72 5.90 12.23
C VAL B 165 -9.35 6.80 11.15
N GLU B 166 -9.59 8.07 11.48
CA GLU B 166 -10.24 8.95 10.50
C GLU B 166 -9.40 9.09 9.24
N ALA B 167 -8.09 9.32 9.40
CA ALA B 167 -7.23 9.54 8.23
C ALA B 167 -7.09 8.29 7.39
N VAL B 168 -7.02 7.12 8.02
CA VAL B 168 -6.84 5.87 7.28
C VAL B 168 -8.02 5.65 6.34
N GLN B 169 -9.24 5.79 6.87
CA GLN B 169 -10.43 5.77 6.02
C GLN B 169 -10.38 6.85 4.93
N LYS B 170 -9.62 7.94 5.15
CA LYS B 170 -9.37 8.87 4.06
C LYS B 170 -8.37 8.30 3.05
N LEU B 171 -7.43 7.47 3.52
CA LEU B 171 -6.48 6.85 2.61
C LEU B 171 -7.14 5.72 1.82
N GLN B 172 -7.99 4.92 2.49
CA GLN B 172 -8.88 3.98 1.79
C GLN B 172 -9.69 4.70 0.70
N ASP B 173 -10.41 5.76 1.08
CA ASP B 173 -11.25 6.49 0.15
C ASP B 173 -10.47 6.98 -1.06
N VAL B 174 -9.24 7.43 -0.83
CA VAL B 174 -8.43 7.92 -1.95
C VAL B 174 -8.12 6.77 -2.91
N LEU B 175 -7.84 5.58 -2.38
CA LEU B 175 -7.61 4.46 -3.26
C LEU B 175 -8.92 3.87 -3.79
N HIS B 176 -9.95 3.79 -2.93
CA HIS B 176 -11.26 3.34 -3.40
C HIS B 176 -11.76 4.23 -4.53
N GLU B 177 -11.62 5.54 -4.39
CA GLU B 177 -12.07 6.43 -5.44
C GLU B 177 -11.22 6.30 -6.70
N ALA B 178 -9.92 6.06 -6.53
CA ALA B 178 -9.05 5.90 -7.69
C ALA B 178 -9.47 4.70 -8.52
N LEU B 179 -9.64 3.54 -7.86
CA LEU B 179 -10.11 2.35 -8.58
C LEU B 179 -11.47 2.60 -9.23
N GLN B 180 -12.34 3.37 -8.58
CA GLN B 180 -13.67 3.59 -9.12
C GLN B 180 -13.62 4.44 -10.39
N ASP B 181 -12.81 5.51 -10.39
CA ASP B 181 -12.68 6.31 -11.61
C ASP B 181 -11.97 5.51 -12.70
N TYR B 182 -10.87 4.84 -12.32
CA TYR B 182 -10.14 4.06 -13.32
C TYR B 182 -11.08 3.12 -14.05
N GLU B 183 -11.73 2.22 -13.32
CA GLU B 183 -12.66 1.29 -13.95
C GLU B 183 -13.76 2.05 -14.69
N ALA B 184 -14.17 3.20 -14.17
CA ALA B 184 -15.19 3.98 -14.82
C ALA B 184 -14.84 4.23 -16.27
N GLY B 185 -13.72 4.92 -16.51
CA GLY B 185 -13.37 5.24 -17.88
C GLY B 185 -12.81 4.09 -18.66
N GLN B 186 -12.37 3.03 -17.98
CA GLN B 186 -11.59 1.99 -18.62
C GLN B 186 -12.38 0.73 -18.94
N HIS B 187 -13.53 0.53 -18.31
CA HIS B 187 -14.28 -0.70 -18.50
C HIS B 187 -15.76 -0.41 -18.53
N MET B 188 -16.14 0.61 -19.30
CA MET B 188 -17.53 0.99 -19.46
C MET B 188 -18.42 -0.23 -19.66
N GLU B 189 -17.91 -1.23 -20.40
CA GLU B 189 -18.72 -2.39 -20.76
C GLU B 189 -19.13 -3.22 -19.53
N ASP B 190 -18.49 -3.02 -18.37
CA ASP B 190 -18.83 -3.76 -17.14
C ASP B 190 -18.83 -2.81 -15.95
N PRO B 191 -19.99 -2.22 -15.63
CA PRO B 191 -20.01 -1.20 -14.58
C PRO B 191 -19.99 -1.74 -13.15
N ARG B 192 -19.64 -3.01 -12.96
CA ARG B 192 -19.53 -3.58 -11.63
C ARG B 192 -18.12 -4.12 -11.37
N ARG B 193 -17.16 -3.71 -12.19
CA ARG B 193 -15.85 -4.33 -12.15
C ARG B 193 -15.07 -3.91 -10.90
N ALA B 194 -15.26 -2.66 -10.44
CA ALA B 194 -14.63 -2.23 -9.19
C ALA B 194 -15.07 -3.11 -8.02
N GLY B 195 -16.40 -3.26 -7.84
CA GLY B 195 -16.91 -4.10 -6.78
C GLY B 195 -16.52 -5.56 -6.92
N LYS B 196 -16.49 -6.06 -8.16
CA LYS B 196 -15.98 -7.40 -8.38
C LYS B 196 -14.54 -7.52 -7.90
N MET B 197 -13.76 -6.45 -8.01
CA MET B 197 -12.39 -6.48 -7.50
C MET B 197 -12.35 -6.47 -5.97
N LEU B 198 -13.20 -5.64 -5.35
CA LEU B 198 -13.25 -5.61 -3.89
C LEU B 198 -13.61 -6.96 -3.31
N MET B 199 -14.34 -7.79 -4.07
CA MET B 199 -14.78 -9.12 -3.60
C MET B 199 -13.75 -10.21 -3.82
N THR B 200 -12.57 -9.84 -4.34
CA THR B 200 -11.47 -10.78 -4.31
C THR B 200 -10.62 -10.59 -3.08
N LEU B 201 -10.78 -9.45 -2.38
CA LEU B 201 -10.02 -9.21 -1.17
C LEU B 201 -10.28 -10.26 -0.10
N PRO B 202 -11.55 -10.65 0.16
CA PRO B 202 -11.79 -11.70 1.16
C PRO B 202 -11.01 -12.98 0.93
N LEU B 203 -10.94 -13.48 -0.31
CA LEU B 203 -10.03 -14.59 -0.55
C LEU B 203 -8.60 -14.23 -0.15
N LEU B 204 -8.12 -13.04 -0.54
CA LEU B 204 -6.73 -12.70 -0.27
C LEU B 204 -6.45 -12.64 1.23
N ARG B 205 -7.31 -11.95 2.00
CA ARG B 205 -7.15 -11.90 3.46
C ARG B 205 -7.14 -13.29 4.06
N GLN B 206 -8.02 -14.16 3.58
CA GLN B 206 -8.07 -15.52 4.08
C GLN B 206 -6.73 -16.21 3.92
N THR B 207 -6.18 -16.20 2.71
CA THR B 207 -4.89 -16.81 2.44
C THR B 207 -3.80 -16.20 3.32
N SER B 208 -3.80 -14.86 3.44
CA SER B 208 -2.91 -14.20 4.38
C SER B 208 -2.96 -14.88 5.75
N THR B 209 -4.18 -15.11 6.28
CA THR B 209 -4.34 -15.57 7.66
C THR B 209 -3.80 -16.99 7.87
N LYS B 210 -4.21 -17.92 7.01
CA LYS B 210 -3.66 -19.27 7.05
C LYS B 210 -2.15 -19.23 6.86
N ALA B 211 -1.67 -18.30 6.04
CA ALA B 211 -0.24 -18.20 5.79
C ALA B 211 0.49 -17.73 7.03
N VAL B 212 -0.08 -16.75 7.73
CA VAL B 212 0.57 -16.22 8.93
C VAL B 212 0.43 -17.19 10.09
N GLN B 213 -0.72 -17.88 10.21
CA GLN B 213 -0.80 -18.99 11.16
C GLN B 213 0.32 -19.98 10.89
N HIS B 214 0.38 -20.51 9.66
CA HIS B 214 1.44 -21.46 9.31
C HIS B 214 2.81 -20.89 9.63
N PHE B 215 3.02 -19.63 9.22
CA PHE B 215 4.22 -18.87 9.55
C PHE B 215 4.75 -19.19 10.95
N TYR B 216 3.88 -19.06 11.95
CA TYR B 216 4.28 -19.31 13.33
C TYR B 216 4.27 -20.79 13.66
N ASN B 217 3.24 -21.51 13.19
CA ASN B 217 3.07 -22.92 13.53
C ASN B 217 4.32 -23.75 13.26
N ILE B 218 5.10 -23.37 12.24
CA ILE B 218 6.40 -23.98 12.00
C ILE B 218 7.54 -23.06 12.42
N LYS B 219 7.23 -21.98 13.16
CA LYS B 219 8.21 -21.17 13.86
C LYS B 219 9.25 -20.55 12.94
N LEU B 220 8.86 -19.51 12.20
CA LEU B 220 9.77 -18.79 11.32
C LEU B 220 10.03 -17.36 11.76
N GLU B 221 9.29 -16.86 12.76
CA GLU B 221 9.27 -15.45 13.12
C GLU B 221 10.60 -14.93 13.66
N GLY B 222 11.58 -15.80 13.92
CA GLY B 222 12.87 -15.35 14.43
C GLY B 222 12.79 -14.62 15.77
N LYS B 223 13.94 -14.06 16.15
CA LYS B 223 14.05 -13.46 17.48
C LYS B 223 13.38 -12.09 17.57
N VAL B 224 13.35 -11.30 16.49
CA VAL B 224 12.74 -9.98 16.55
C VAL B 224 11.30 -10.04 16.02
N PRO B 225 10.35 -9.39 16.71
CA PRO B 225 8.96 -9.38 16.23
C PRO B 225 8.80 -8.54 14.96
N MET B 226 7.72 -8.83 14.24
CA MET B 226 7.50 -8.15 12.97
C MET B 226 7.42 -6.65 13.16
N HIS B 227 6.61 -6.19 14.11
CA HIS B 227 6.43 -4.75 14.30
C HIS B 227 7.73 -4.07 14.72
N LYS B 228 8.52 -4.70 15.60
CA LYS B 228 9.82 -4.14 15.95
C LYS B 228 10.68 -3.96 14.70
N LEU B 229 10.72 -4.98 13.84
CA LEU B 229 11.59 -4.97 12.66
C LEU B 229 11.22 -3.88 11.67
N PHE B 230 9.94 -3.48 11.61
CA PHE B 230 9.54 -2.40 10.72
C PHE B 230 9.90 -1.04 11.29
N LEU B 231 9.59 -0.83 12.58
CA LEU B 231 10.06 0.37 13.26
C LEU B 231 11.56 0.57 13.04
N GLU B 232 12.34 -0.52 13.08
CA GLU B 232 13.78 -0.43 12.84
C GLU B 232 14.08 0.25 11.51
N MET B 233 13.26 -0.03 10.49
CA MET B 233 13.46 0.52 9.15
C MET B 233 12.83 1.90 8.98
N LEU B 234 11.73 2.18 9.68
CA LEU B 234 11.04 3.45 9.54
C LEU B 234 11.71 4.59 10.33
N GLU B 235 12.62 4.28 11.25
CA GLU B 235 13.27 5.30 12.06
C GLU B 235 14.80 5.19 11.92
N LYS C 16 -35.80 -3.54 -4.00
CA LYS C 16 -36.12 -4.42 -5.11
C LYS C 16 -35.85 -5.90 -4.75
N ILE C 17 -34.60 -6.33 -4.93
CA ILE C 17 -34.23 -7.65 -4.42
C ILE C 17 -33.99 -7.59 -2.91
N VAL C 18 -33.54 -6.44 -2.39
CA VAL C 18 -33.35 -6.29 -0.94
C VAL C 18 -34.67 -6.54 -0.20
N SER C 19 -35.79 -6.03 -0.75
CA SER C 19 -37.08 -6.17 -0.08
C SER C 19 -37.48 -7.65 0.05
N HIS C 20 -37.31 -8.41 -1.02
CA HIS C 20 -37.50 -9.86 -0.93
C HIS C 20 -36.68 -10.43 0.23
N LEU C 21 -35.46 -9.93 0.43
CA LEU C 21 -34.53 -10.49 1.41
C LEU C 21 -34.79 -9.98 2.82
N LEU C 22 -35.39 -8.79 2.94
CA LEU C 22 -35.75 -8.27 4.26
C LEU C 22 -36.92 -9.04 4.84
N VAL C 23 -37.87 -9.43 3.98
CA VAL C 23 -39.02 -10.21 4.38
C VAL C 23 -38.64 -11.65 4.73
N ALA C 24 -37.59 -12.17 4.10
CA ALA C 24 -37.09 -13.52 4.28
C ALA C 24 -36.16 -13.67 5.50
N GLU C 25 -36.22 -12.75 6.49
CA GLU C 25 -35.31 -12.84 7.63
C GLU C 25 -35.89 -13.74 8.71
N PRO C 26 -35.14 -14.72 9.19
CA PRO C 26 -35.68 -15.67 10.18
C PRO C 26 -36.03 -15.02 11.52
N GLU C 27 -36.82 -15.76 12.29
CA GLU C 27 -37.24 -15.30 13.60
C GLU C 27 -36.14 -15.50 14.62
N LYS C 28 -36.11 -14.58 15.60
CA LYS C 28 -35.14 -14.65 16.69
C LYS C 28 -35.11 -16.07 17.25
N ILE C 29 -33.98 -16.75 17.08
CA ILE C 29 -33.70 -17.97 17.83
C ILE C 29 -33.32 -17.49 19.22
N TYR C 30 -33.27 -18.39 20.20
CA TYR C 30 -32.90 -18.04 21.56
C TYR C 30 -31.85 -19.00 22.06
N ALA C 31 -31.11 -18.58 23.09
CA ALA C 31 -29.96 -19.34 23.53
C ALA C 31 -30.30 -20.38 24.59
N MET C 32 -31.15 -20.02 25.55
CA MET C 32 -31.61 -20.86 26.65
C MET C 32 -30.47 -21.66 27.27
N PRO C 33 -29.54 -20.99 27.95
CA PRO C 33 -28.48 -21.72 28.67
C PRO C 33 -29.07 -22.50 29.86
N ASP C 34 -28.67 -23.77 29.96
CA ASP C 34 -29.21 -24.65 31.01
C ASP C 34 -28.92 -24.05 32.38
N PRO C 35 -29.95 -23.76 33.20
CA PRO C 35 -29.68 -23.24 34.55
C PRO C 35 -29.11 -24.29 35.49
N THR C 36 -29.35 -25.57 35.24
CA THR C 36 -28.80 -26.63 36.08
C THR C 36 -27.32 -26.86 35.88
N VAL C 37 -26.67 -25.98 35.12
CA VAL C 37 -25.21 -25.98 34.96
C VAL C 37 -24.71 -24.67 35.52
N PRO C 38 -23.67 -24.66 36.36
CA PRO C 38 -23.13 -23.39 36.85
C PRO C 38 -22.30 -22.70 35.77
N ASP C 39 -22.52 -21.39 35.62
CA ASP C 39 -21.69 -20.59 34.71
C ASP C 39 -20.22 -20.93 34.88
N SER C 40 -19.58 -21.37 33.80
CA SER C 40 -18.19 -21.83 33.88
C SER C 40 -17.46 -21.51 32.57
N ASP C 41 -16.20 -21.98 32.50
CA ASP C 41 -15.47 -21.96 31.24
C ASP C 41 -16.07 -22.94 30.24
N ILE C 42 -16.22 -24.20 30.67
CA ILE C 42 -16.84 -25.24 29.85
C ILE C 42 -18.32 -25.02 29.59
N LYS C 43 -18.95 -24.08 30.30
CA LYS C 43 -20.40 -23.87 30.15
C LYS C 43 -20.70 -23.07 28.87
N ALA C 44 -20.34 -21.78 28.88
CA ALA C 44 -20.47 -20.91 27.72
C ALA C 44 -20.11 -21.61 26.42
N LEU C 45 -19.06 -22.42 26.44
CA LEU C 45 -18.71 -23.21 25.27
C LEU C 45 -19.91 -24.00 24.78
N THR C 46 -20.43 -24.89 25.63
CA THR C 46 -21.50 -25.78 25.18
C THR C 46 -22.75 -25.00 24.79
N THR C 47 -23.01 -23.89 25.47
CA THR C 47 -24.15 -23.04 25.07
C THR C 47 -23.99 -22.54 23.64
N LEU C 48 -22.82 -21.98 23.30
CA LEU C 48 -22.61 -21.44 21.96
C LEU C 48 -22.72 -22.54 20.90
N CYS C 49 -22.23 -23.76 21.18
CA CYS C 49 -22.41 -24.86 20.23
C CYS C 49 -23.88 -25.21 20.07
N ASP C 50 -24.63 -25.22 21.18
CA ASP C 50 -26.08 -25.41 21.11
C ASP C 50 -26.72 -24.32 20.27
N LEU C 51 -26.55 -23.05 20.67
CA LEU C 51 -27.20 -21.95 19.96
C LEU C 51 -26.78 -21.93 18.49
N ALA C 52 -25.49 -22.06 18.20
CA ALA C 52 -25.02 -22.00 16.84
C ALA C 52 -25.59 -23.16 16.03
N ASP C 53 -25.52 -24.37 16.58
CA ASP C 53 -26.10 -25.55 15.95
C ASP C 53 -27.56 -25.36 15.55
N ARG C 54 -28.29 -24.52 16.29
CA ARG C 54 -29.68 -24.29 15.92
C ARG C 54 -29.79 -23.19 14.87
N GLU C 55 -29.17 -22.03 15.12
CA GLU C 55 -29.22 -21.00 14.09
C GLU C 55 -28.67 -21.52 12.76
N LEU C 56 -27.77 -22.50 12.81
CA LEU C 56 -27.31 -23.18 11.61
C LEU C 56 -28.47 -23.74 10.80
N VAL C 57 -29.34 -24.55 11.45
CA VAL C 57 -30.51 -25.11 10.77
C VAL C 57 -31.33 -24.02 10.10
N VAL C 58 -31.55 -22.90 10.80
CA VAL C 58 -32.29 -21.77 10.22
C VAL C 58 -31.68 -21.35 8.89
N ILE C 59 -30.36 -21.40 8.78
CA ILE C 59 -29.69 -20.85 7.61
C ILE C 59 -29.97 -21.71 6.39
N ILE C 60 -30.02 -23.04 6.54
CA ILE C 60 -30.30 -23.91 5.40
C ILE C 60 -31.68 -23.62 4.83
N GLY C 61 -32.66 -23.33 5.70
CA GLY C 61 -33.98 -22.97 5.22
C GLY C 61 -34.08 -21.53 4.78
N TRP C 62 -33.30 -20.65 5.40
CA TRP C 62 -33.20 -19.26 4.97
C TRP C 62 -32.58 -19.17 3.57
N ALA C 63 -31.57 -19.98 3.30
CA ALA C 63 -30.88 -19.93 2.01
C ALA C 63 -31.83 -20.15 0.85
N LYS C 64 -32.73 -21.13 0.98
CA LYS C 64 -33.76 -21.44 0.00
C LYS C 64 -34.40 -20.17 -0.57
N HIS C 65 -34.56 -19.15 0.29
CA HIS C 65 -35.24 -17.90 -0.06
C HIS C 65 -34.35 -16.88 -0.76
N ILE C 66 -33.03 -17.03 -0.70
CA ILE C 66 -32.13 -16.12 -1.41
C ILE C 66 -32.43 -16.26 -2.90
N PRO C 67 -33.03 -15.22 -3.50
CA PRO C 67 -33.33 -15.27 -4.94
C PRO C 67 -32.13 -15.72 -5.74
N GLY C 68 -32.14 -16.98 -6.17
CA GLY C 68 -31.07 -17.51 -6.99
C GLY C 68 -30.48 -18.77 -6.41
N PHE C 69 -30.17 -18.73 -5.11
CA PHE C 69 -29.59 -19.88 -4.45
C PHE C 69 -30.32 -21.15 -4.84
N SER C 70 -31.65 -21.13 -4.69
CA SER C 70 -32.48 -22.30 -4.95
C SER C 70 -32.24 -22.86 -6.35
N THR C 71 -32.09 -21.97 -7.34
CA THR C 71 -31.84 -22.42 -8.72
C THR C 71 -30.60 -23.29 -8.82
N LEU C 72 -29.49 -22.87 -8.21
CA LEU C 72 -28.22 -23.57 -8.37
C LEU C 72 -28.33 -25.07 -8.16
N SER C 73 -27.37 -25.82 -8.70
CA SER C 73 -27.20 -27.24 -8.36
C SER C 73 -27.33 -27.43 -6.86
N LEU C 74 -28.05 -28.48 -6.46
CA LEU C 74 -28.14 -28.76 -5.04
C LEU C 74 -26.79 -29.18 -4.47
N ALA C 75 -25.91 -29.73 -5.31
CA ALA C 75 -24.55 -29.97 -4.86
C ALA C 75 -23.84 -28.66 -4.52
N ASP C 76 -23.92 -27.68 -5.44
CA ASP C 76 -23.37 -26.34 -5.17
C ASP C 76 -23.87 -25.82 -3.83
N GLN C 77 -25.18 -25.82 -3.62
CA GLN C 77 -25.78 -25.20 -2.44
C GLN C 77 -25.09 -25.63 -1.15
N MET C 78 -24.66 -26.90 -1.07
CA MET C 78 -23.99 -27.36 0.14
C MET C 78 -22.54 -26.89 0.23
N SER C 79 -21.93 -26.55 -0.91
CA SER C 79 -20.58 -26.00 -0.88
C SER C 79 -20.59 -24.53 -0.45
N LEU C 80 -21.36 -23.70 -1.16
CA LEU C 80 -21.57 -22.32 -0.74
C LEU C 80 -21.86 -22.24 0.77
N LEU C 81 -22.80 -23.06 1.26
CA LEU C 81 -23.14 -23.07 2.68
C LEU C 81 -22.01 -23.61 3.55
N GLN C 82 -21.35 -24.69 3.11
CA GLN C 82 -20.29 -25.23 3.95
C GLN C 82 -19.14 -24.24 4.15
N SER C 83 -19.09 -23.16 3.38
CA SER C 83 -18.05 -22.15 3.47
C SER C 83 -18.51 -20.85 4.10
N ALA C 84 -19.80 -20.54 4.00
CA ALA C 84 -20.34 -19.30 4.52
C ALA C 84 -20.96 -19.45 5.90
N TRP C 85 -20.97 -20.64 6.49
CA TRP C 85 -21.82 -20.78 7.66
C TRP C 85 -21.26 -20.00 8.84
N MET C 86 -19.97 -20.14 9.13
CA MET C 86 -19.39 -19.28 10.17
C MET C 86 -19.66 -17.81 9.88
N GLU C 87 -19.44 -17.39 8.64
CA GLU C 87 -19.61 -15.99 8.32
C GLU C 87 -21.03 -15.52 8.62
N ILE C 88 -22.02 -16.38 8.40
CA ILE C 88 -23.36 -15.85 8.62
C ILE C 88 -23.71 -15.88 10.09
N LEU C 89 -23.11 -16.81 10.85
CA LEU C 89 -23.29 -16.80 12.28
C LEU C 89 -22.77 -15.48 12.80
N ILE C 90 -21.44 -15.33 12.79
CA ILE C 90 -20.74 -14.17 13.29
C ILE C 90 -21.42 -12.90 12.80
N LEU C 91 -21.69 -12.86 11.50
CA LEU C 91 -22.30 -11.69 10.89
C LEU C 91 -23.67 -11.41 11.49
N GLY C 92 -24.39 -12.46 11.90
CA GLY C 92 -25.66 -12.24 12.57
C GLY C 92 -25.45 -11.69 13.94
N VAL C 93 -24.60 -12.34 14.73
CA VAL C 93 -24.19 -11.79 16.03
C VAL C 93 -23.81 -10.32 15.89
N VAL C 94 -23.06 -9.97 14.85
CA VAL C 94 -22.58 -8.61 14.73
C VAL C 94 -23.75 -7.62 14.65
N TYR C 95 -24.82 -7.99 13.95
CA TYR C 95 -25.88 -7.02 13.71
C TYR C 95 -26.75 -6.81 14.94
N ARG C 96 -26.99 -7.86 15.73
CA ARG C 96 -27.71 -7.66 16.98
C ARG C 96 -26.91 -6.80 17.98
N SER C 97 -25.58 -6.72 17.83
CA SER C 97 -24.74 -6.00 18.77
C SER C 97 -24.51 -4.53 18.41
N LEU C 98 -25.18 -4.02 17.37
CA LEU C 98 -24.90 -2.66 16.94
C LEU C 98 -25.39 -1.63 17.94
N SER C 99 -26.45 -1.93 18.69
CA SER C 99 -26.99 -1.01 19.69
C SER C 99 -26.40 -1.23 21.08
N PHE C 100 -25.28 -1.95 21.20
CA PHE C 100 -24.67 -2.29 22.48
C PHE C 100 -23.22 -1.80 22.49
N GLU C 101 -22.49 -2.18 23.53
CA GLU C 101 -21.15 -1.63 23.75
C GLU C 101 -20.29 -2.71 24.41
N ASP C 102 -19.05 -2.86 23.92
CA ASP C 102 -18.14 -3.93 24.31
C ASP C 102 -18.89 -5.20 24.70
N GLU C 103 -20.01 -5.47 24.04
CA GLU C 103 -20.86 -6.62 24.30
C GLU C 103 -21.38 -7.14 22.97
N LEU C 104 -21.38 -8.47 22.81
CA LEU C 104 -21.86 -9.12 21.60
C LEU C 104 -23.13 -9.91 21.91
N VAL C 105 -24.21 -9.59 21.19
CA VAL C 105 -25.55 -10.09 21.54
C VAL C 105 -25.82 -11.26 20.60
N TYR C 106 -25.34 -12.44 21.01
CA TYR C 106 -25.60 -13.69 20.31
C TYR C 106 -27.08 -13.96 20.09
N ALA C 107 -27.78 -14.19 21.19
CA ALA C 107 -29.23 -14.21 21.26
C ALA C 107 -29.67 -13.05 22.13
N ASP C 108 -31.00 -12.84 22.19
CA ASP C 108 -31.49 -11.77 23.03
C ASP C 108 -31.36 -12.13 24.50
N ASP C 109 -31.38 -13.42 24.83
CA ASP C 109 -31.18 -13.87 26.21
C ASP C 109 -29.73 -14.24 26.46
N TYR C 110 -28.79 -13.72 25.68
CA TYR C 110 -27.42 -14.18 25.80
C TYR C 110 -26.47 -13.14 25.18
N ILE C 111 -26.06 -12.18 26.00
CA ILE C 111 -25.13 -11.14 25.61
C ILE C 111 -23.81 -11.36 26.34
N MET C 112 -22.72 -10.88 25.74
CA MET C 112 -21.38 -11.12 26.28
C MET C 112 -20.59 -9.82 26.23
N ASP C 113 -20.07 -9.40 27.39
CA ASP C 113 -19.25 -8.21 27.54
C ASP C 113 -17.78 -8.62 27.63
N GLU C 114 -16.89 -7.66 27.89
CA GLU C 114 -15.45 -7.93 27.81
C GLU C 114 -15.01 -9.03 28.78
N ASP C 115 -15.56 -9.06 29.99
CA ASP C 115 -15.12 -10.01 31.00
C ASP C 115 -15.83 -11.36 30.90
N GLN C 116 -17.04 -11.37 30.36
CA GLN C 116 -17.67 -12.64 30.02
C GLN C 116 -16.82 -13.39 28.98
N SER C 117 -16.47 -12.70 27.88
CA SER C 117 -15.57 -13.27 26.87
C SER C 117 -14.31 -13.86 27.49
N LYS C 118 -13.63 -13.08 28.34
CA LYS C 118 -12.34 -13.52 28.85
C LYS C 118 -12.46 -14.81 29.66
N LEU C 119 -13.62 -15.06 30.29
CA LEU C 119 -13.82 -16.33 30.99
C LEU C 119 -14.05 -17.47 30.01
N ALA C 120 -14.88 -17.21 28.98
CA ALA C 120 -15.02 -18.18 27.91
C ALA C 120 -13.72 -18.44 27.16
N GLY C 121 -12.73 -17.55 27.30
CA GLY C 121 -11.51 -17.70 26.53
C GLY C 121 -11.66 -17.34 25.07
N LEU C 122 -12.67 -16.56 24.73
CA LEU C 122 -12.87 -16.06 23.38
C LEU C 122 -12.53 -14.58 23.31
N LEU C 123 -11.59 -14.11 24.14
CA LEU C 123 -11.40 -12.68 24.18
C LEU C 123 -10.74 -12.18 22.89
N ASP C 124 -9.77 -12.93 22.37
CA ASP C 124 -9.17 -12.54 21.09
C ASP C 124 -10.22 -12.51 19.99
N LEU C 125 -10.79 -13.68 19.67
CA LEU C 125 -11.81 -13.76 18.61
C LEU C 125 -12.87 -12.66 18.74
N ASN C 126 -13.32 -12.38 19.97
CA ASN C 126 -14.42 -11.44 20.19
C ASN C 126 -14.02 -9.97 20.04
N ASN C 127 -12.76 -9.64 20.35
CA ASN C 127 -12.23 -8.35 19.95
C ASN C 127 -12.53 -8.09 18.47
N ALA C 128 -12.00 -8.98 17.62
CA ALA C 128 -12.17 -8.83 16.19
C ALA C 128 -13.63 -8.57 15.82
N ILE C 129 -14.55 -9.36 16.38
CA ILE C 129 -15.96 -9.14 16.07
C ILE C 129 -16.36 -7.73 16.44
N LEU C 130 -16.04 -7.32 17.67
CA LEU C 130 -16.37 -5.96 18.10
C LEU C 130 -15.75 -4.92 17.18
N GLN C 131 -14.51 -5.16 16.73
CA GLN C 131 -13.90 -4.36 15.69
C GLN C 131 -14.84 -4.17 14.50
N LEU C 132 -15.55 -5.23 14.12
CA LEU C 132 -16.52 -5.10 13.02
C LEU C 132 -17.83 -4.45 13.50
N VAL C 133 -18.16 -4.59 14.78
CA VAL C 133 -19.32 -3.85 15.29
C VAL C 133 -19.04 -2.36 15.26
N LYS C 134 -17.86 -1.94 15.71
CA LYS C 134 -17.51 -0.53 15.63
C LYS C 134 -17.66 -0.01 14.21
N LYS C 135 -17.02 -0.68 13.23
CA LYS C 135 -17.01 -0.17 11.86
C LYS C 135 -18.42 -0.06 11.27
N TYR C 136 -19.31 -1.02 11.61
CA TYR C 136 -20.68 -0.95 11.11
C TYR C 136 -21.51 0.11 11.83
N LYS C 137 -21.25 0.29 13.13
CA LYS C 137 -21.80 1.44 13.85
C LYS C 137 -21.29 2.76 13.25
N SER C 138 -19.98 2.87 13.03
CA SER C 138 -19.42 4.00 12.29
C SER C 138 -20.24 4.31 11.04
N MET C 139 -20.52 3.28 10.23
CA MET C 139 -21.23 3.47 8.96
C MET C 139 -22.73 3.67 9.12
N LYS C 140 -23.28 3.45 10.31
CA LYS C 140 -24.72 3.57 10.50
C LYS C 140 -25.45 2.60 9.56
N LEU C 141 -25.03 1.34 9.60
CA LEU C 141 -25.52 0.32 8.66
C LEU C 141 -27.03 0.11 8.84
N GLU C 142 -27.77 0.06 7.74
CA GLU C 142 -29.21 -0.11 7.73
C GLU C 142 -29.60 -1.58 7.51
N LYS C 143 -30.71 -2.00 8.13
CA LYS C 143 -31.12 -3.41 8.12
C LYS C 143 -31.20 -3.96 6.70
N GLU C 144 -31.67 -3.13 5.77
CA GLU C 144 -31.70 -3.52 4.36
C GLU C 144 -30.30 -3.75 3.80
N GLU C 145 -29.27 -3.14 4.40
CA GLU C 145 -27.89 -3.36 3.94
C GLU C 145 -27.29 -4.63 4.52
N PHE C 146 -27.41 -4.85 5.82
CA PHE C 146 -27.02 -6.12 6.42
C PHE C 146 -27.48 -7.31 5.59
N VAL C 147 -28.77 -7.37 5.26
CA VAL C 147 -29.30 -8.58 4.63
C VAL C 147 -28.58 -8.88 3.31
N THR C 148 -28.19 -7.84 2.57
CA THR C 148 -27.52 -8.05 1.28
C THR C 148 -26.12 -8.62 1.47
N LEU C 149 -25.33 -8.02 2.36
CA LEU C 149 -24.03 -8.56 2.69
C LEU C 149 -24.14 -9.96 3.30
N LYS C 150 -25.18 -10.19 4.13
CA LYS C 150 -25.47 -11.54 4.61
C LYS C 150 -25.47 -12.53 3.46
N ALA C 151 -26.28 -12.25 2.42
CA ALA C 151 -26.31 -13.09 1.22
C ALA C 151 -24.96 -13.12 0.51
N ILE C 152 -24.47 -11.94 0.12
CA ILE C 152 -23.20 -11.85 -0.62
C ILE C 152 -22.10 -12.65 0.08
N ALA C 153 -22.03 -12.57 1.41
CA ALA C 153 -21.04 -13.37 2.12
C ALA C 153 -21.14 -14.84 1.73
N LEU C 154 -22.37 -15.34 1.58
CA LEU C 154 -22.59 -16.73 1.17
C LEU C 154 -22.15 -16.96 -0.28
N ALA C 155 -22.73 -16.21 -1.20
CA ALA C 155 -22.43 -16.38 -2.61
C ALA C 155 -20.96 -16.15 -2.94
N ASN C 156 -20.22 -15.41 -2.10
CA ASN C 156 -18.82 -15.12 -2.34
C ASN C 156 -17.89 -15.87 -1.41
N SER C 157 -18.34 -16.97 -0.80
CA SER C 157 -17.57 -17.67 0.22
C SER C 157 -16.29 -18.31 -0.34
N ASP C 158 -16.08 -18.28 -1.66
CA ASP C 158 -14.87 -18.80 -2.31
C ASP C 158 -14.62 -20.26 -1.93
N SER C 159 -15.67 -21.08 -2.12
CA SER C 159 -15.54 -22.52 -2.03
C SER C 159 -14.68 -23.04 -3.17
N MET C 160 -13.83 -24.01 -2.87
CA MET C 160 -13.02 -24.62 -3.92
C MET C 160 -13.68 -25.85 -4.54
N HIS C 161 -15.03 -25.88 -4.59
CA HIS C 161 -15.80 -27.01 -5.13
C HIS C 161 -17.08 -26.51 -5.78
N ILE C 162 -16.98 -25.81 -6.90
CA ILE C 162 -18.16 -25.39 -7.64
C ILE C 162 -18.21 -26.18 -8.95
N GLU C 163 -19.36 -26.81 -9.21
CA GLU C 163 -19.62 -27.37 -10.53
C GLU C 163 -19.67 -26.26 -11.56
N ASP C 164 -20.57 -25.30 -11.37
CA ASP C 164 -20.89 -24.28 -12.35
C ASP C 164 -20.38 -22.94 -11.83
N VAL C 165 -19.09 -22.66 -12.06
CA VAL C 165 -18.54 -21.37 -11.67
C VAL C 165 -19.39 -20.25 -12.24
N GLU C 166 -19.89 -20.44 -13.46
CA GLU C 166 -20.66 -19.37 -14.09
C GLU C 166 -21.93 -19.09 -13.30
N ALA C 167 -22.60 -20.14 -12.82
CA ALA C 167 -23.79 -19.92 -12.01
C ALA C 167 -23.47 -19.05 -10.82
N VAL C 168 -22.52 -19.48 -10.00
CA VAL C 168 -22.21 -18.77 -8.76
C VAL C 168 -21.86 -17.32 -9.04
N GLN C 169 -21.01 -17.07 -10.06
CA GLN C 169 -20.75 -15.70 -10.50
C GLN C 169 -22.06 -14.96 -10.80
N LYS C 170 -22.96 -15.61 -11.55
CA LYS C 170 -24.26 -15.01 -11.84
C LYS C 170 -24.96 -14.61 -10.55
N LEU C 171 -24.97 -15.52 -9.57
CA LEU C 171 -25.53 -15.22 -8.26
C LEU C 171 -24.94 -13.95 -7.68
N GLN C 172 -23.61 -13.93 -7.51
CA GLN C 172 -22.92 -12.76 -7.00
C GLN C 172 -23.34 -11.50 -7.75
N ASP C 173 -23.36 -11.55 -9.09
CA ASP C 173 -23.66 -10.33 -9.83
C ASP C 173 -25.09 -9.87 -9.57
N VAL C 174 -26.01 -10.79 -9.32
CA VAL C 174 -27.40 -10.39 -9.12
C VAL C 174 -27.58 -9.73 -7.76
N LEU C 175 -26.97 -10.31 -6.71
CA LEU C 175 -26.88 -9.66 -5.41
C LEU C 175 -25.99 -8.40 -5.47
N HIS C 176 -24.83 -8.55 -6.11
CA HIS C 176 -23.92 -7.43 -6.35
C HIS C 176 -24.66 -6.26 -6.99
N GLU C 177 -25.63 -6.56 -7.85
CA GLU C 177 -26.37 -5.49 -8.53
C GLU C 177 -27.37 -4.82 -7.58
N ALA C 178 -28.05 -5.62 -6.76
CA ALA C 178 -29.08 -5.05 -5.88
C ALA C 178 -28.45 -4.10 -4.86
N LEU C 179 -27.35 -4.52 -4.23
CA LEU C 179 -26.69 -3.66 -3.26
C LEU C 179 -26.10 -2.41 -3.90
N GLN C 180 -25.66 -2.51 -5.16
CA GLN C 180 -25.23 -1.31 -5.86
C GLN C 180 -26.43 -0.47 -6.31
N ASP C 181 -27.59 -1.11 -6.54
CA ASP C 181 -28.80 -0.34 -6.85
C ASP C 181 -29.37 0.33 -5.60
N TYR C 182 -29.50 -0.43 -4.50
CA TYR C 182 -30.03 0.15 -3.28
C TYR C 182 -29.32 1.45 -2.91
N GLU C 183 -27.99 1.47 -3.03
CA GLU C 183 -27.20 2.56 -2.46
C GLU C 183 -27.36 3.87 -3.22
N ALA C 184 -27.37 3.80 -4.56
CA ALA C 184 -27.45 5.01 -5.38
C ALA C 184 -28.76 5.77 -5.17
N GLY C 185 -29.78 5.13 -4.61
CA GLY C 185 -31.03 5.79 -4.26
C GLY C 185 -31.08 6.30 -2.84
N GLN C 186 -31.19 5.37 -1.87
CA GLN C 186 -31.33 5.76 -0.47
C GLN C 186 -30.05 6.42 0.08
N HIS C 187 -28.99 6.51 -0.71
CA HIS C 187 -27.74 7.09 -0.21
C HIS C 187 -26.97 7.80 -1.31
N MET C 188 -27.63 8.72 -2.01
CA MET C 188 -26.90 9.58 -2.95
C MET C 188 -25.89 10.45 -2.21
N GLU C 189 -26.16 10.75 -0.93
CA GLU C 189 -25.18 11.42 -0.10
C GLU C 189 -23.80 10.81 -0.31
N ASP C 190 -23.68 9.50 -0.12
CA ASP C 190 -22.40 8.80 -0.20
C ASP C 190 -22.30 7.99 -1.48
N PRO C 191 -21.48 8.39 -2.46
CA PRO C 191 -21.41 7.66 -3.72
C PRO C 191 -20.46 6.49 -3.66
N ARG C 192 -19.68 6.36 -2.58
CA ARG C 192 -18.73 5.25 -2.54
C ARG C 192 -19.21 4.21 -1.49
N ARG C 193 -20.53 4.16 -1.29
CA ARG C 193 -21.08 3.44 -0.16
C ARG C 193 -21.14 1.94 -0.36
N ALA C 194 -21.84 1.50 -1.40
CA ALA C 194 -21.78 0.13 -1.85
C ALA C 194 -20.35 -0.39 -1.76
N GLY C 195 -19.41 0.41 -2.28
CA GLY C 195 -17.98 0.17 -2.17
C GLY C 195 -17.45 -0.02 -0.75
N LYS C 196 -17.70 0.91 0.17
CA LYS C 196 -17.23 0.71 1.52
C LYS C 196 -17.78 -0.57 2.12
N MET C 197 -19.07 -0.84 1.87
CA MET C 197 -19.77 -2.05 2.32
C MET C 197 -19.02 -3.35 2.01
N LEU C 198 -18.67 -3.55 0.74
CA LEU C 198 -17.83 -4.70 0.39
C LEU C 198 -16.45 -4.67 1.04
N MET C 199 -15.96 -3.49 1.41
CA MET C 199 -14.62 -3.47 1.97
C MET C 199 -14.60 -3.87 3.41
N THR C 200 -15.76 -4.26 3.93
CA THR C 200 -15.89 -4.82 5.26
C THR C 200 -15.76 -6.35 5.27
N LEU C 201 -15.94 -7.02 4.14
CA LEU C 201 -15.91 -8.47 4.13
C LEU C 201 -14.56 -9.06 4.52
N PRO C 202 -13.41 -8.52 4.09
CA PRO C 202 -12.13 -9.15 4.46
C PRO C 202 -12.01 -9.45 5.96
N LEU C 203 -12.56 -8.57 6.80
CA LEU C 203 -12.48 -8.77 8.24
C LEU C 203 -13.45 -9.86 8.71
N LEU C 204 -14.68 -9.85 8.19
CA LEU C 204 -15.62 -10.93 8.44
C LEU C 204 -15.03 -12.28 8.06
N ARG C 205 -14.41 -12.36 6.89
CA ARG C 205 -13.75 -13.60 6.47
C ARG C 205 -12.57 -13.92 7.38
N GLN C 206 -11.81 -12.89 7.80
CA GLN C 206 -10.63 -13.10 8.64
C GLN C 206 -11.00 -13.83 9.92
N THR C 207 -12.06 -13.35 10.58
CA THR C 207 -12.50 -13.89 11.86
C THR C 207 -13.10 -15.29 11.72
N SER C 208 -13.98 -15.47 10.72
CA SER C 208 -14.47 -16.81 10.41
C SER C 208 -13.33 -17.81 10.36
N THR C 209 -12.21 -17.44 9.74
CA THR C 209 -11.06 -18.33 9.63
C THR C 209 -10.37 -18.50 10.97
N LYS C 210 -10.06 -17.37 11.64
CA LYS C 210 -9.49 -17.43 12.99
C LYS C 210 -10.41 -18.15 13.96
N ALA C 211 -11.73 -18.15 13.69
CA ALA C 211 -12.69 -18.85 14.55
C ALA C 211 -12.69 -20.36 14.33
N VAL C 212 -12.99 -20.79 13.09
CA VAL C 212 -12.97 -22.23 12.78
C VAL C 212 -11.67 -22.89 13.23
N GLN C 213 -10.54 -22.22 13.02
CA GLN C 213 -9.29 -22.73 13.59
C GLN C 213 -9.45 -22.94 15.08
N HIS C 214 -9.91 -21.90 15.79
CA HIS C 214 -10.01 -21.99 17.25
C HIS C 214 -10.96 -23.09 17.67
N PHE C 215 -12.10 -23.21 16.99
CA PHE C 215 -13.02 -24.31 17.25
C PHE C 215 -12.27 -25.63 17.31
N TYR C 216 -11.62 -25.99 16.20
CA TYR C 216 -10.83 -27.22 16.18
C TYR C 216 -9.83 -27.27 17.33
N ASN C 217 -9.09 -26.18 17.55
CA ASN C 217 -8.17 -26.04 18.71
C ASN C 217 -8.65 -26.63 20.08
#